data_3OTW
#
_entry.id   3OTW
#
_cell.length_a   77.419
_cell.length_b   119.846
_cell.length_c   124.573
_cell.angle_alpha   90.00
_cell.angle_beta   90.00
_cell.angle_gamma   90.00
#
_symmetry.space_group_name_H-M   'P 21 21 21'
#
loop_
_entity.id
_entity.type
_entity.pdbx_description
1 polymer 'Phosphopantetheine adenylyltransferase'
2 non-polymer 'SULFATE ION'
3 non-polymer 'COENZYME A'
4 water water
#
_entity_poly.entity_id   1
_entity_poly.type   'polypeptide(L)'
_entity_poly.pdbx_seq_one_letter_code
;HHHHHHMQKIGIYPGTFDPVTNGHIDIIHRSSELFEKLIVAVAHSSAKNPMFSLDERLKMIQLATKSFKNVECVAFEGLL
ANLAKEYHCKVLVRGLRVVSDFEYELQMGYANKSLNHELETLYFMPTLQNAFISSSIVRSIIAHKGDASHLVPKEIYPLI
SKA
;
_entity_poly.pdbx_strand_id   A,B,C,D,E,F
#
# COMPACT_ATOMS: atom_id res chain seq x y z
N MET A 7 -14.62 23.56 18.59
CA MET A 7 -13.71 22.79 17.72
C MET A 7 -13.39 23.61 16.47
N GLN A 8 -14.42 24.27 15.96
CA GLN A 8 -14.28 25.04 14.73
C GLN A 8 -13.58 26.40 14.96
N LYS A 9 -13.30 26.76 16.23
CA LYS A 9 -12.64 28.04 16.52
C LYS A 9 -11.23 28.19 15.95
N ILE A 10 -10.47 27.09 15.96
CA ILE A 10 -9.06 27.16 15.57
C ILE A 10 -8.54 25.80 15.13
N GLY A 11 -7.79 25.79 14.04
CA GLY A 11 -7.10 24.59 13.64
C GLY A 11 -5.63 24.99 13.44
N ILE A 12 -4.76 24.01 13.61
CA ILE A 12 -3.33 24.16 13.37
C ILE A 12 -2.94 23.26 12.23
N TYR A 13 -2.33 23.85 11.21
CA TYR A 13 -1.78 23.09 10.06
C TYR A 13 -0.25 23.07 10.18
N PRO A 14 0.31 21.94 10.63
CA PRO A 14 1.76 21.96 10.85
C PRO A 14 2.54 21.44 9.64
N GLY A 15 3.79 21.84 9.54
CA GLY A 15 4.63 21.34 8.46
C GLY A 15 6.02 21.88 8.56
N THR A 16 6.91 21.27 7.77
CA THR A 16 8.24 21.80 7.58
C THR A 16 8.22 22.88 6.48
N PHE A 17 7.39 22.67 5.44
CA PHE A 17 7.21 23.70 4.37
C PHE A 17 8.52 24.13 3.73
N ASP A 18 9.20 23.16 3.14
CA ASP A 18 10.60 23.35 2.68
C ASP A 18 10.74 23.08 1.16
N PRO A 19 10.19 23.97 0.31
CA PRO A 19 9.43 25.18 0.64
C PRO A 19 7.93 24.93 0.55
N VAL A 20 7.18 25.97 0.90
CA VAL A 20 5.73 25.97 0.64
C VAL A 20 5.41 25.72 -0.84
N THR A 21 4.46 24.80 -1.13
CA THR A 21 4.09 24.48 -2.50
C THR A 21 2.64 24.84 -2.81
N ASN A 22 2.25 24.73 -4.08
CA ASN A 22 0.86 24.99 -4.45
C ASN A 22 -0.10 24.02 -3.73
N GLY A 23 0.42 22.83 -3.43
CA GLY A 23 -0.36 21.77 -2.71
C GLY A 23 -0.65 22.22 -1.28
N HIS A 24 0.34 22.76 -0.60
CA HIS A 24 0.11 23.26 0.75
C HIS A 24 -0.88 24.43 0.73
N ILE A 25 -0.78 25.31 -0.26
CA ILE A 25 -1.71 26.42 -0.35
C ILE A 25 -3.16 25.93 -0.55
N ASP A 26 -3.35 24.86 -1.33
CA ASP A 26 -4.70 24.27 -1.45
C ASP A 26 -5.25 23.87 -0.09
N ILE A 27 -4.39 23.27 0.74
CA ILE A 27 -4.83 22.79 2.05
C ILE A 27 -5.17 24.00 2.94
N ILE A 28 -4.32 25.03 2.87
CA ILE A 28 -4.60 26.28 3.63
C ILE A 28 -5.90 26.93 3.21
N HIS A 29 -6.12 27.02 1.89
CA HIS A 29 -7.34 27.58 1.33
C HIS A 29 -8.61 26.90 1.90
N ARG A 30 -8.66 25.57 1.86
CA ARG A 30 -9.84 24.83 2.30
C ARG A 30 -10.00 24.81 3.78
N SER A 31 -8.90 24.62 4.49
CA SER A 31 -8.99 24.59 5.94
C SER A 31 -9.24 25.97 6.54
N SER A 32 -8.76 27.05 5.93
CA SER A 32 -9.06 28.39 6.46
C SER A 32 -10.51 28.75 6.21
N GLU A 33 -11.13 28.10 5.22
CA GLU A 33 -12.57 28.26 4.99
C GLU A 33 -13.37 27.65 6.11
N LEU A 34 -12.87 26.58 6.71
CA LEU A 34 -13.62 25.83 7.69
C LEU A 34 -13.48 26.39 9.12
N PHE A 35 -12.28 26.81 9.48
CA PHE A 35 -11.96 27.23 10.84
C PHE A 35 -12.04 28.74 10.94
N GLU A 36 -12.45 29.23 12.09
CA GLU A 36 -12.50 30.67 12.31
C GLU A 36 -11.10 31.26 12.23
N LYS A 37 -10.12 30.56 12.81
CA LYS A 37 -8.70 30.93 12.70
C LYS A 37 -7.92 29.69 12.30
N LEU A 38 -6.98 29.85 11.39
CA LEU A 38 -6.06 28.79 11.06
C LEU A 38 -4.64 29.23 11.42
N ILE A 39 -4.00 28.44 12.26
CA ILE A 39 -2.56 28.67 12.53
C ILE A 39 -1.74 27.76 11.63
N VAL A 40 -0.82 28.34 10.86
CA VAL A 40 0.10 27.54 10.06
C VAL A 40 1.38 27.46 10.86
N ALA A 41 1.74 26.24 11.29
CA ALA A 41 2.83 26.10 12.24
C ALA A 41 4.03 25.49 11.54
N VAL A 42 5.08 26.30 11.41
CA VAL A 42 6.27 25.88 10.68
C VAL A 42 7.28 25.30 11.66
N ALA A 43 7.47 23.98 11.60
CA ALA A 43 8.38 23.29 12.53
C ALA A 43 9.87 23.57 12.19
N HIS A 44 10.73 23.72 13.19
CA HIS A 44 12.18 23.80 12.91
C HIS A 44 12.64 22.59 12.07
N SER A 45 12.29 21.39 12.52
CA SER A 45 12.59 20.13 11.80
C SER A 45 14.09 19.99 11.54
N SER A 46 14.89 20.36 12.56
CA SER A 46 16.36 20.32 12.51
C SER A 46 16.90 19.00 11.98
N ALA A 47 16.33 17.89 12.45
CA ALA A 47 16.75 16.53 12.10
C ALA A 47 16.61 16.21 10.62
N LYS A 48 15.53 16.67 9.99
CA LYS A 48 15.46 16.65 8.54
C LYS A 48 16.56 17.63 8.22
N ASN A 49 17.01 17.76 7.01
CA ASN A 49 18.04 18.82 6.96
C ASN A 49 17.53 19.91 6.05
N PRO A 50 16.58 20.77 6.52
CA PRO A 50 15.81 21.52 5.49
C PRO A 50 16.68 22.36 4.61
N MET A 51 16.32 22.40 3.33
CA MET A 51 17.04 23.18 2.38
C MET A 51 17.00 24.68 2.73
N PHE A 52 15.82 25.16 3.13
CA PHE A 52 15.63 26.58 3.50
C PHE A 52 15.61 26.76 5.01
N SER A 53 16.13 27.91 5.47
CA SER A 53 16.19 28.18 6.90
C SER A 53 14.80 28.28 7.52
N LEU A 54 14.69 28.11 8.83
CA LEU A 54 13.38 28.33 9.47
C LEU A 54 12.85 29.74 9.12
N ASP A 55 13.71 30.77 9.20
CA ASP A 55 13.26 32.12 8.83
C ASP A 55 12.76 32.25 7.40
N GLU A 56 13.49 31.66 6.46
CA GLU A 56 13.08 31.72 5.06
C GLU A 56 11.75 30.99 4.90
N ARG A 57 11.66 29.82 5.51
CA ARG A 57 10.40 29.01 5.39
C ARG A 57 9.18 29.72 5.96
N LEU A 58 9.34 30.30 7.14
CA LEU A 58 8.27 31.03 7.79
C LEU A 58 7.89 32.26 6.91
N LYS A 59 8.90 33.04 6.51
CA LYS A 59 8.64 34.26 5.73
C LYS A 59 8.00 33.95 4.40
N MET A 60 8.42 32.86 3.76
CA MET A 60 7.78 32.51 2.51
C MET A 60 6.31 32.12 2.70
N ILE A 61 6.05 31.32 3.72
CA ILE A 61 4.66 30.88 3.88
C ILE A 61 3.78 32.07 4.36
N GLN A 62 4.38 33.00 5.11
CA GLN A 62 3.65 34.20 5.54
C GLN A 62 3.21 35.01 4.31
N LEU A 63 4.15 35.27 3.41
CA LEU A 63 3.81 36.02 2.18
C LEU A 63 2.78 35.28 1.29
N ALA A 64 2.99 33.97 1.15
CA ALA A 64 2.10 33.12 0.33
C ALA A 64 0.66 33.04 0.89
N THR A 65 0.49 33.32 2.17
CA THR A 65 -0.83 33.25 2.80
C THR A 65 -1.42 34.63 3.11
N LYS A 66 -0.81 35.70 2.57
CA LYS A 66 -1.30 37.06 2.84
C LYS A 66 -2.76 37.32 2.48
N SER A 67 -3.28 36.66 1.45
CA SER A 67 -4.70 36.82 1.03
C SER A 67 -5.72 36.15 1.95
N PHE A 68 -5.27 35.21 2.78
CA PHE A 68 -6.15 34.53 3.70
C PHE A 68 -6.16 35.29 5.03
N LYS A 69 -7.21 36.09 5.27
CA LYS A 69 -7.15 37.02 6.41
C LYS A 69 -7.22 36.39 7.80
N ASN A 70 -7.70 35.14 7.86
CA ASN A 70 -7.84 34.45 9.14
C ASN A 70 -6.70 33.43 9.33
N VAL A 71 -5.63 33.55 8.54
CA VAL A 71 -4.47 32.68 8.67
C VAL A 71 -3.31 33.44 9.31
N GLU A 72 -2.71 32.84 10.33
CA GLU A 72 -1.47 33.37 10.91
C GLU A 72 -0.40 32.29 10.86
N CYS A 73 0.81 32.63 10.43
CA CYS A 73 1.89 31.62 10.36
C CYS A 73 2.85 31.86 11.50
N VAL A 74 3.28 30.79 12.16
CA VAL A 74 4.23 30.89 13.28
C VAL A 74 5.28 29.81 13.16
N ALA A 75 6.48 30.05 13.72
CA ALA A 75 7.47 29.01 13.82
C ALA A 75 7.40 28.37 15.20
N PHE A 76 7.74 27.08 15.30
CA PHE A 76 7.82 26.45 16.61
C PHE A 76 8.93 25.41 16.70
N GLU A 77 9.48 25.30 17.91
CA GLU A 77 10.63 24.40 18.17
C GLU A 77 10.35 23.11 18.96
N GLY A 78 9.21 23.07 19.65
CA GLY A 78 8.96 21.95 20.56
C GLY A 78 7.95 20.98 19.99
N LEU A 79 7.21 20.31 20.87
CA LEU A 79 6.22 19.36 20.45
C LEU A 79 4.97 20.05 19.95
N LEU A 80 4.48 19.52 18.83
CA LEU A 80 3.27 20.05 18.24
C LEU A 80 2.08 19.90 19.20
N ALA A 81 2.00 18.77 19.89
CA ALA A 81 0.92 18.57 20.88
C ALA A 81 0.88 19.67 21.95
N ASN A 82 2.05 20.13 22.37
CA ASN A 82 2.14 21.23 23.33
C ASN A 82 1.76 22.58 22.75
N LEU A 83 2.13 22.79 21.48
CA LEU A 83 1.75 24.02 20.76
C LEU A 83 0.23 24.11 20.69
N ALA A 84 -0.41 23.01 20.35
CA ALA A 84 -1.85 22.94 20.33
C ALA A 84 -2.45 23.35 21.67
N LYS A 85 -1.85 22.86 22.76
CA LYS A 85 -2.36 23.23 24.08
C LYS A 85 -2.23 24.72 24.33
N GLU A 86 -1.12 25.31 23.92
CA GLU A 86 -0.93 26.72 24.13
C GLU A 86 -1.90 27.62 23.32
N TYR A 87 -2.33 27.14 22.16
CA TYR A 87 -3.37 27.80 21.38
C TYR A 87 -4.80 27.41 21.74
N HIS A 88 -4.95 26.56 22.75
CA HIS A 88 -6.24 25.95 23.09
C HIS A 88 -6.94 25.40 21.84
N CYS A 89 -6.18 24.61 21.10
CA CYS A 89 -6.62 24.09 19.80
C CYS A 89 -6.78 22.58 19.92
N LYS A 90 -7.90 22.05 19.43
CA LYS A 90 -8.21 20.62 19.56
C LYS A 90 -8.14 19.92 18.21
N VAL A 91 -7.66 20.62 17.18
CA VAL A 91 -7.70 20.05 15.83
C VAL A 91 -6.44 20.36 15.05
N LEU A 92 -5.70 19.31 14.64
CA LEU A 92 -4.58 19.42 13.70
C LEU A 92 -5.15 19.15 12.31
N VAL A 93 -4.68 19.94 11.35
CA VAL A 93 -5.10 19.87 9.98
C VAL A 93 -3.96 19.22 9.18
N ARG A 94 -4.27 18.18 8.40
CA ARG A 94 -3.21 17.53 7.57
C ARG A 94 -3.74 17.40 6.17
N GLY A 95 -2.83 17.40 5.18
CA GLY A 95 -3.25 17.14 3.82
C GLY A 95 -2.99 15.70 3.41
N LEU A 96 -3.87 15.16 2.58
CA LEU A 96 -3.71 13.79 2.04
C LEU A 96 -3.55 13.86 0.53
N ARG A 97 -2.37 13.47 0.07
CA ARG A 97 -2.02 13.42 -1.35
C ARG A 97 -1.83 11.96 -1.72
N VAL A 98 -1.76 11.73 -3.01
CA VAL A 98 -1.43 10.42 -3.57
C VAL A 98 -0.25 9.74 -2.89
N VAL A 99 0.82 10.49 -2.69
CA VAL A 99 2.04 9.92 -2.13
C VAL A 99 2.11 10.00 -0.60
N SER A 100 1.00 10.34 0.07
CA SER A 100 0.97 10.34 1.52
C SER A 100 1.20 8.90 2.02
N ASP A 101 1.92 8.78 3.15
CA ASP A 101 2.07 7.49 3.83
C ASP A 101 0.92 7.44 4.82
N PHE A 102 -0.12 6.74 4.38
CA PHE A 102 -1.42 6.79 5.04
C PHE A 102 -1.35 6.18 6.44
N GLU A 103 -0.60 5.07 6.55
CA GLU A 103 -0.49 4.42 7.84
C GLU A 103 0.34 5.28 8.80
N TYR A 104 1.36 5.97 8.27
CA TYR A 104 2.14 6.87 9.05
C TYR A 104 1.29 8.05 9.56
N GLU A 105 0.37 8.57 8.73
CA GLU A 105 -0.52 9.64 9.22
C GLU A 105 -1.38 9.16 10.39
N LEU A 106 -1.95 7.98 10.28
CA LEU A 106 -2.75 7.44 11.38
C LEU A 106 -1.86 7.31 12.62
N GLN A 107 -0.67 6.77 12.43
CA GLN A 107 0.28 6.64 13.54
C GLN A 107 0.56 8.00 14.23
N MET A 108 0.80 9.00 13.40
CA MET A 108 1.14 10.34 13.98
C MET A 108 -0.10 10.92 14.69
N GLY A 109 -1.26 10.73 14.09
CA GLY A 109 -2.55 11.14 14.70
C GLY A 109 -2.66 10.54 16.09
N TYR A 110 -2.46 9.24 16.19
CA TYR A 110 -2.60 8.61 17.51
C TYR A 110 -1.49 9.00 18.48
N ALA A 111 -0.30 9.24 17.95
CA ALA A 111 0.80 9.68 18.81
C ALA A 111 0.49 11.04 19.38
N ASN A 112 0.01 11.94 18.53
CA ASN A 112 -0.34 13.28 18.98
C ASN A 112 -1.45 13.28 20.02
N LYS A 113 -2.44 12.43 19.80
CA LYS A 113 -3.53 12.26 20.77
C LYS A 113 -3.02 11.68 22.10
N SER A 114 -2.04 10.81 22.02
CA SER A 114 -1.49 10.23 23.27
C SER A 114 -0.71 11.28 24.06
N LEU A 115 -0.17 12.29 23.37
CA LEU A 115 0.54 13.41 24.04
C LEU A 115 -0.42 14.52 24.50
N ASN A 116 -1.60 14.57 23.92
CA ASN A 116 -2.58 15.61 24.24
C ASN A 116 -3.96 15.01 23.97
N HIS A 117 -4.62 14.60 25.04
CA HIS A 117 -5.80 13.74 24.91
C HIS A 117 -6.99 14.37 24.20
N GLU A 118 -6.94 15.69 24.03
CA GLU A 118 -8.01 16.43 23.37
C GLU A 118 -7.74 16.64 21.87
N LEU A 119 -6.56 16.24 21.40
CA LEU A 119 -6.09 16.71 20.07
C LEU A 119 -6.49 15.75 18.93
N GLU A 120 -7.47 16.12 18.10
CA GLU A 120 -7.90 15.32 16.95
C GLU A 120 -7.10 15.75 15.70
N THR A 121 -7.05 14.87 14.72
CA THR A 121 -6.43 15.20 13.39
C THR A 121 -7.52 15.05 12.32
N LEU A 122 -7.64 16.08 11.45
CA LEU A 122 -8.61 16.10 10.37
C LEU A 122 -7.82 16.28 9.04
N TYR A 123 -8.28 15.61 7.98
CA TYR A 123 -7.50 15.62 6.70
C TYR A 123 -8.30 16.22 5.61
N PHE A 124 -7.63 17.05 4.81
CA PHE A 124 -8.15 17.65 3.62
C PHE A 124 -7.39 17.13 2.41
N MET A 125 -8.01 17.28 1.24
CA MET A 125 -7.34 16.92 -0.03
C MET A 125 -6.96 18.20 -0.80
N PRO A 126 -5.82 18.20 -1.49
CA PRO A 126 -5.52 19.33 -2.37
C PRO A 126 -6.33 19.17 -3.64
N THR A 127 -6.24 20.14 -4.56
CA THR A 127 -6.87 19.92 -5.86
C THR A 127 -6.20 18.75 -6.61
N LEU A 128 -6.95 18.15 -7.54
CA LEU A 128 -6.42 17.01 -8.30
C LEU A 128 -5.08 17.35 -8.99
N GLN A 129 -5.00 18.54 -9.59
CA GLN A 129 -3.79 18.98 -10.31
C GLN A 129 -2.57 19.00 -9.39
N ASN A 130 -2.78 19.14 -8.07
CA ASN A 130 -1.71 19.21 -7.09
C ASN A 130 -1.55 17.95 -6.26
N ALA A 131 -2.24 16.88 -6.66
CA ALA A 131 -2.24 15.67 -5.82
C ALA A 131 -0.90 14.96 -5.84
N PHE A 132 -0.04 15.26 -6.81
CA PHE A 132 1.25 14.57 -6.93
C PHE A 132 2.40 15.57 -6.66
N ILE A 133 2.12 16.74 -6.14
CA ILE A 133 3.24 17.71 -5.90
C ILE A 133 3.84 17.44 -4.52
N SER A 134 5.15 17.60 -4.36
CA SER A 134 5.71 17.49 -3.03
C SER A 134 6.84 18.49 -2.96
N SER A 135 7.16 18.93 -1.75
CA SER A 135 8.32 19.88 -1.60
C SER A 135 9.58 19.17 -2.05
N SER A 136 9.69 17.85 -1.81
CA SER A 136 10.94 17.16 -2.24
C SER A 136 11.18 17.29 -3.75
N ILE A 137 10.11 17.23 -4.54
CA ILE A 137 10.24 17.44 -6.01
C ILE A 137 10.73 18.83 -6.33
N VAL A 138 10.17 19.84 -5.66
CA VAL A 138 10.68 21.19 -5.84
C VAL A 138 12.18 21.30 -5.50
N ARG A 139 12.60 20.74 -4.36
CA ARG A 139 14.03 20.77 -3.96
C ARG A 139 14.91 20.10 -5.02
N SER A 140 14.49 18.93 -5.51
CA SER A 140 15.28 18.23 -6.54
C SER A 140 15.42 19.08 -7.78
N ILE A 141 14.33 19.63 -8.29
CA ILE A 141 14.40 20.48 -9.48
C ILE A 141 15.33 21.69 -9.28
N ILE A 142 15.10 22.44 -8.20
CA ILE A 142 15.98 23.57 -7.81
C ILE A 142 17.43 23.18 -7.72
N ALA A 143 17.69 22.04 -7.07
CA ALA A 143 19.07 21.61 -6.84
C ALA A 143 19.83 21.32 -8.13
N HIS A 144 19.10 20.92 -9.17
CA HIS A 144 19.65 20.60 -10.51
C HIS A 144 19.41 21.77 -11.48
N LYS A 145 19.21 22.96 -10.91
CA LYS A 145 19.00 24.24 -11.60
C LYS A 145 17.86 24.26 -12.64
N GLY A 146 16.81 23.48 -12.39
CA GLY A 146 15.64 23.47 -13.26
C GLY A 146 14.57 24.46 -12.83
N ASP A 147 13.51 24.52 -13.61
CA ASP A 147 12.47 25.52 -13.42
C ASP A 147 11.38 24.84 -12.61
N ALA A 148 11.21 25.23 -11.34
CA ALA A 148 10.10 24.66 -10.53
C ALA A 148 8.98 25.67 -10.32
N SER A 149 8.90 26.70 -11.17
CA SER A 149 7.92 27.76 -10.98
C SER A 149 6.46 27.29 -11.07
N HIS A 150 6.23 26.17 -11.75
CA HIS A 150 4.90 25.60 -11.88
C HIS A 150 4.37 24.92 -10.58
N LEU A 151 5.24 24.80 -9.59
CA LEU A 151 4.90 24.03 -8.39
C LEU A 151 4.68 24.86 -7.13
N VAL A 152 5.02 26.16 -7.19
CA VAL A 152 5.04 27.02 -5.96
C VAL A 152 4.41 28.38 -6.23
N PRO A 153 3.99 29.09 -5.18
CA PRO A 153 3.46 30.43 -5.40
C PRO A 153 4.52 31.31 -6.11
N LYS A 154 4.09 32.04 -7.13
CA LYS A 154 5.02 32.84 -7.93
C LYS A 154 5.77 33.83 -7.08
N GLU A 155 5.10 34.34 -6.05
CA GLU A 155 5.72 35.39 -5.22
C GLU A 155 6.93 34.90 -4.41
N ILE A 156 7.08 33.58 -4.29
CA ILE A 156 8.22 33.05 -3.54
C ILE A 156 9.22 32.36 -4.45
N TYR A 157 8.86 32.23 -5.72
CA TYR A 157 9.75 31.50 -6.63
C TYR A 157 11.14 32.16 -6.81
N PRO A 158 11.18 33.50 -6.97
CA PRO A 158 12.50 34.07 -7.18
C PRO A 158 13.45 33.73 -6.01
N LEU A 159 12.94 33.73 -4.77
CA LEU A 159 13.79 33.44 -3.63
C LEU A 159 14.31 32.01 -3.73
N ILE A 160 13.40 31.06 -3.97
CA ILE A 160 13.84 29.68 -3.97
C ILE A 160 14.74 29.34 -5.15
N SER A 161 14.54 30.01 -6.29
CA SER A 161 15.29 29.66 -7.49
C SER A 161 16.76 30.08 -7.33
N LYS A 162 16.98 31.03 -6.42
CA LYS A 162 18.28 31.53 -6.00
C LYS A 162 18.83 30.71 -4.80
N ALA A 163 18.21 30.91 -3.63
CA ALA A 163 18.71 30.31 -2.37
C ALA A 163 17.72 30.50 -1.22
N MET B 7 -18.79 26.06 4.88
CA MET B 7 -18.29 24.68 5.15
C MET B 7 -18.66 24.23 6.55
N GLN B 8 -18.73 25.16 7.52
CA GLN B 8 -18.88 24.71 8.91
C GLN B 8 -20.34 24.43 9.32
N LYS B 9 -21.29 24.90 8.54
CA LYS B 9 -22.68 24.80 8.93
C LYS B 9 -23.33 23.41 8.80
N ILE B 10 -22.83 22.61 7.88
CA ILE B 10 -23.42 21.33 7.64
C ILE B 10 -22.40 20.42 6.94
N GLY B 11 -22.38 19.17 7.39
CA GLY B 11 -21.62 18.13 6.71
C GLY B 11 -22.50 16.93 6.55
N ILE B 12 -22.17 16.12 5.54
CA ILE B 12 -22.89 14.84 5.31
C ILE B 12 -21.89 13.68 5.45
N TYR B 13 -22.25 12.72 6.31
CA TYR B 13 -21.45 11.48 6.50
C TYR B 13 -22.23 10.36 5.81
N PRO B 14 -21.83 9.97 4.60
CA PRO B 14 -22.51 8.92 3.85
C PRO B 14 -21.96 7.53 4.14
N GLY B 15 -22.81 6.52 3.97
CA GLY B 15 -22.30 5.16 4.12
C GLY B 15 -23.37 4.15 3.81
N THR B 16 -22.96 2.89 3.73
CA THR B 16 -23.94 1.80 3.57
C THR B 16 -24.42 1.38 4.96
N PHE B 17 -23.53 1.52 5.95
CA PHE B 17 -23.87 1.20 7.36
C PHE B 17 -24.55 -0.16 7.52
N ASP B 18 -23.83 -1.21 7.14
CA ASP B 18 -24.44 -2.56 7.04
C ASP B 18 -23.75 -3.59 7.97
N PRO B 19 -23.91 -3.46 9.30
CA PRO B 19 -24.58 -2.41 10.05
C PRO B 19 -23.65 -1.33 10.51
N VAL B 20 -24.20 -0.27 11.07
CA VAL B 20 -23.40 0.72 11.79
C VAL B 20 -22.54 0.03 12.88
N THR B 21 -21.29 0.48 13.02
CA THR B 21 -20.36 -0.12 14.03
C THR B 21 -19.87 0.94 14.99
N ASN B 22 -19.09 0.52 16.00
CA ASN B 22 -18.50 1.45 16.94
C ASN B 22 -17.55 2.44 16.24
N GLY B 23 -16.94 1.97 15.15
CA GLY B 23 -15.98 2.83 14.38
C GLY B 23 -16.78 3.94 13.71
N HIS B 24 -17.94 3.63 13.13
CA HIS B 24 -18.75 4.71 12.49
C HIS B 24 -19.22 5.70 13.52
N ILE B 25 -19.61 5.20 14.73
CA ILE B 25 -20.06 6.14 15.78
C ILE B 25 -18.93 7.11 16.22
N ASP B 26 -17.67 6.62 16.27
CA ASP B 26 -16.52 7.52 16.57
C ASP B 26 -16.50 8.67 15.55
N ILE B 27 -16.69 8.32 14.28
CA ILE B 27 -16.67 9.35 13.21
C ILE B 27 -17.82 10.35 13.39
N ILE B 28 -19.00 9.81 13.70
CA ILE B 28 -20.17 10.67 13.99
C ILE B 28 -19.89 11.59 15.17
N HIS B 29 -19.33 11.03 16.26
CA HIS B 29 -19.05 11.82 17.44
C HIS B 29 -18.12 13.00 17.10
N ARG B 30 -17.01 12.71 16.41
CA ARG B 30 -16.04 13.77 16.08
C ARG B 30 -16.56 14.78 15.08
N SER B 31 -17.28 14.29 14.06
CA SER B 31 -17.75 15.23 13.03
C SER B 31 -18.93 16.05 13.50
N SER B 32 -19.77 15.49 14.37
CA SER B 32 -20.88 16.30 14.88
C SER B 32 -20.38 17.32 15.88
N GLU B 33 -19.14 17.13 16.37
CA GLU B 33 -18.59 18.12 17.26
C GLU B 33 -18.09 19.30 16.42
N LEU B 34 -17.64 19.03 15.19
CA LEU B 34 -17.08 20.05 14.31
C LEU B 34 -18.14 20.88 13.59
N PHE B 35 -19.15 20.22 13.03
CA PHE B 35 -20.19 20.90 12.25
C PHE B 35 -21.39 21.30 13.10
N GLU B 36 -22.05 22.38 12.68
CA GLU B 36 -23.30 22.79 13.38
C GLU B 36 -24.35 21.69 13.29
N LYS B 37 -24.45 21.10 12.11
CA LYS B 37 -25.41 20.05 11.82
C LYS B 37 -24.70 18.94 11.02
N LEU B 38 -24.99 17.68 11.36
CA LEU B 38 -24.43 16.55 10.60
C LEU B 38 -25.60 15.76 10.07
N ILE B 39 -25.57 15.42 8.80
CA ILE B 39 -26.54 14.50 8.23
C ILE B 39 -25.84 13.17 8.09
N VAL B 40 -26.43 12.11 8.63
CA VAL B 40 -25.85 10.77 8.40
C VAL B 40 -26.71 10.16 7.29
N ALA B 41 -26.08 9.87 6.14
CA ALA B 41 -26.85 9.53 4.96
C ALA B 41 -26.60 8.09 4.56
N VAL B 42 -27.67 7.28 4.65
CA VAL B 42 -27.52 5.83 4.46
C VAL B 42 -27.93 5.53 3.03
N ALA B 43 -26.97 5.03 2.24
CA ALA B 43 -27.22 4.81 0.82
C ALA B 43 -27.91 3.47 0.61
N HIS B 44 -28.77 3.38 -0.39
CA HIS B 44 -29.40 2.09 -0.69
C HIS B 44 -28.35 1.03 -0.93
N SER B 45 -27.37 1.32 -1.80
CA SER B 45 -26.24 0.43 -2.07
C SER B 45 -26.68 -0.94 -2.52
N SER B 46 -27.71 -0.99 -3.36
CA SER B 46 -28.28 -2.30 -3.74
C SER B 46 -27.25 -3.17 -4.48
N ALA B 47 -26.28 -2.54 -5.17
CA ALA B 47 -25.18 -3.25 -5.86
C ALA B 47 -24.29 -4.06 -4.92
N LYS B 48 -24.33 -3.74 -3.63
CA LYS B 48 -23.48 -4.40 -2.64
C LYS B 48 -24.22 -5.58 -2.01
N ASN B 49 -25.49 -5.71 -2.35
CA ASN B 49 -26.36 -6.72 -1.73
C ASN B 49 -26.26 -6.74 -0.20
N PRO B 50 -26.62 -5.62 0.44
CA PRO B 50 -26.43 -5.53 1.92
C PRO B 50 -27.14 -6.63 2.72
N MET B 51 -26.53 -7.02 3.82
CA MET B 51 -27.17 -7.97 4.74
C MET B 51 -28.51 -7.45 5.30
N PHE B 52 -28.53 -6.18 5.68
CA PHE B 52 -29.69 -5.53 6.25
C PHE B 52 -30.37 -4.61 5.25
N SER B 53 -31.71 -4.55 5.30
CA SER B 53 -32.46 -3.71 4.36
C SER B 53 -32.18 -2.24 4.60
N LEU B 54 -32.47 -1.42 3.59
CA LEU B 54 -32.30 0.02 3.79
C LEU B 54 -33.09 0.53 4.99
N ASP B 55 -34.34 0.10 5.10
CA ASP B 55 -35.14 0.44 6.30
C ASP B 55 -34.46 0.02 7.58
N GLU B 56 -33.91 -1.21 7.62
CA GLU B 56 -33.30 -1.68 8.87
C GLU B 56 -32.06 -0.87 9.18
N ARG B 57 -31.27 -0.60 8.14
CA ARG B 57 -30.01 0.14 8.36
C ARG B 57 -30.27 1.58 8.79
N LEU B 58 -31.30 2.20 8.24
CA LEU B 58 -31.65 3.55 8.69
C LEU B 58 -32.12 3.52 10.17
N LYS B 59 -32.97 2.56 10.49
CA LYS B 59 -33.47 2.44 11.88
C LYS B 59 -32.29 2.29 12.86
N MET B 60 -31.32 1.46 12.49
CA MET B 60 -30.18 1.23 13.37
C MET B 60 -29.36 2.49 13.55
N ILE B 61 -29.09 3.23 12.45
CA ILE B 61 -28.28 4.41 12.65
C ILE B 61 -29.07 5.48 13.41
N GLN B 62 -30.40 5.48 13.26
CA GLN B 62 -31.25 6.42 14.05
C GLN B 62 -31.12 6.14 15.54
N LEU B 63 -31.23 4.86 15.92
CA LEU B 63 -31.16 4.44 17.35
C LEU B 63 -29.76 4.78 17.90
N ALA B 64 -28.76 4.52 17.06
CA ALA B 64 -27.38 4.68 17.51
C ALA B 64 -26.94 6.14 17.58
N THR B 65 -27.70 7.05 16.96
CA THR B 65 -27.34 8.47 17.00
C THR B 65 -28.28 9.36 17.82
N LYS B 66 -29.23 8.71 18.53
CA LYS B 66 -30.23 9.44 19.34
C LYS B 66 -29.59 10.52 20.25
N SER B 67 -28.49 10.16 20.91
CA SER B 67 -27.77 11.04 21.84
C SER B 67 -27.14 12.30 21.22
N PHE B 68 -26.87 12.29 19.90
CA PHE B 68 -26.26 13.43 19.24
C PHE B 68 -27.33 14.34 18.74
N LYS B 69 -27.53 15.44 19.47
CA LYS B 69 -28.69 16.28 19.23
C LYS B 69 -28.66 17.00 17.89
N ASN B 70 -27.46 17.20 17.30
CA ASN B 70 -27.39 17.89 16.03
C ASN B 70 -27.21 16.95 14.82
N VAL B 71 -27.55 15.66 15.00
CA VAL B 71 -27.39 14.68 13.91
C VAL B 71 -28.77 14.26 13.42
N GLU B 72 -28.96 14.19 12.12
CA GLU B 72 -30.19 13.68 11.54
C GLU B 72 -29.80 12.63 10.54
N CYS B 73 -30.53 11.52 10.49
CA CYS B 73 -30.21 10.41 9.60
C CYS B 73 -31.25 10.34 8.54
N VAL B 74 -30.82 10.10 7.30
CA VAL B 74 -31.73 9.96 6.18
C VAL B 74 -31.28 8.79 5.32
N ALA B 75 -32.22 8.21 4.57
CA ALA B 75 -31.83 7.22 3.56
C ALA B 75 -31.91 7.88 2.20
N PHE B 76 -31.03 7.46 1.26
CA PHE B 76 -31.09 8.10 -0.06
C PHE B 76 -30.78 7.11 -1.15
N GLU B 77 -31.45 7.29 -2.29
CA GLU B 77 -31.37 6.36 -3.41
C GLU B 77 -30.53 6.82 -4.60
N GLY B 78 -30.23 8.10 -4.68
CA GLY B 78 -29.58 8.67 -5.87
C GLY B 78 -28.10 9.00 -5.65
N LEU B 79 -27.58 9.96 -6.42
CA LEU B 79 -26.16 10.34 -6.28
C LEU B 79 -25.95 11.18 -5.01
N LEU B 80 -24.89 10.86 -4.30
CA LEU B 80 -24.51 11.61 -3.11
C LEU B 80 -24.23 13.06 -3.49
N ALA B 81 -23.57 13.28 -4.62
CA ALA B 81 -23.24 14.65 -5.04
C ALA B 81 -24.48 15.54 -5.16
N ASN B 82 -25.57 14.93 -5.61
CA ASN B 82 -26.86 15.63 -5.67
C ASN B 82 -27.57 15.80 -4.34
N LEU B 83 -27.47 14.78 -3.49
CA LEU B 83 -27.97 14.88 -2.12
C LEU B 83 -27.32 16.08 -1.46
N ALA B 84 -26.00 16.26 -1.65
CA ALA B 84 -25.30 17.38 -0.99
C ALA B 84 -25.86 18.74 -1.49
N LYS B 85 -26.07 18.86 -2.79
CA LYS B 85 -26.67 20.08 -3.35
C LYS B 85 -28.06 20.31 -2.76
N GLU B 86 -28.79 19.23 -2.56
CA GLU B 86 -30.17 19.34 -2.07
C GLU B 86 -30.21 19.78 -0.59
N TYR B 87 -29.11 19.53 0.13
CA TYR B 87 -28.98 19.98 1.49
C TYR B 87 -28.21 21.28 1.66
N HIS B 88 -27.84 21.92 0.56
CA HIS B 88 -26.99 23.15 0.61
C HIS B 88 -25.75 22.84 1.44
N CYS B 89 -25.16 21.69 1.14
CA CYS B 89 -24.00 21.18 1.87
C CYS B 89 -22.76 21.08 0.93
N LYS B 90 -21.60 21.58 1.36
CA LYS B 90 -20.42 21.54 0.50
C LYS B 90 -19.34 20.68 1.12
N VAL B 91 -19.69 19.90 2.15
CA VAL B 91 -18.68 19.03 2.79
C VAL B 91 -19.17 17.61 3.04
N LEU B 92 -18.46 16.65 2.46
CA LEU B 92 -18.65 15.25 2.81
C LEU B 92 -17.65 14.83 3.87
N VAL B 93 -18.12 14.05 4.82
CA VAL B 93 -17.33 13.53 5.94
C VAL B 93 -17.04 12.03 5.68
N ARG B 94 -15.77 11.63 5.79
CA ARG B 94 -15.42 10.22 5.67
C ARG B 94 -14.53 9.82 6.81
N GLY B 95 -14.50 8.52 7.09
CA GLY B 95 -13.57 8.05 8.13
C GLY B 95 -12.40 7.32 7.52
N LEU B 96 -11.23 7.50 8.12
CA LEU B 96 -10.02 6.80 7.72
C LEU B 96 -9.59 5.80 8.79
N ARG B 97 -9.63 4.52 8.43
CA ARG B 97 -9.25 3.40 9.31
C ARG B 97 -8.08 2.64 8.73
N VAL B 98 -7.59 1.69 9.52
CA VAL B 98 -6.43 0.90 9.10
C VAL B 98 -6.66 0.25 7.74
N VAL B 99 -7.83 -0.36 7.56
CA VAL B 99 -8.08 -1.05 6.29
C VAL B 99 -8.74 -0.16 5.25
N SER B 100 -8.79 1.17 5.49
CA SER B 100 -9.26 2.04 4.40
C SER B 100 -8.47 1.87 3.12
N ASP B 101 -9.14 2.01 1.97
CA ASP B 101 -8.43 1.94 0.67
C ASP B 101 -8.21 3.41 0.39
N PHE B 102 -7.03 3.87 0.77
CA PHE B 102 -6.69 5.30 0.78
C PHE B 102 -6.82 5.92 -0.61
N GLU B 103 -6.28 5.20 -1.57
CA GLU B 103 -6.29 5.72 -2.91
C GLU B 103 -7.73 5.81 -3.42
N TYR B 104 -8.56 4.84 -3.05
CA TYR B 104 -9.95 4.76 -3.47
C TYR B 104 -10.73 5.92 -2.88
N GLU B 105 -10.39 6.28 -1.64
CA GLU B 105 -11.03 7.45 -1.00
C GLU B 105 -10.71 8.75 -1.77
N LEU B 106 -9.45 8.91 -2.19
CA LEU B 106 -9.05 10.09 -2.96
C LEU B 106 -9.80 10.05 -4.27
N GLN B 107 -9.89 8.86 -4.87
CA GLN B 107 -10.57 8.78 -6.11
C GLN B 107 -12.05 9.18 -6.00
N MET B 108 -12.71 8.68 -4.97
CA MET B 108 -14.14 9.00 -4.75
C MET B 108 -14.29 10.50 -4.44
N GLY B 109 -13.35 11.06 -3.67
CA GLY B 109 -13.35 12.51 -3.35
C GLY B 109 -13.29 13.33 -4.62
N TYR B 110 -12.39 12.95 -5.53
CA TYR B 110 -12.35 13.69 -6.80
C TYR B 110 -13.56 13.45 -7.70
N ALA B 111 -14.11 12.25 -7.63
CA ALA B 111 -15.30 11.93 -8.46
C ALA B 111 -16.49 12.75 -7.99
N ASN B 112 -16.66 12.85 -6.67
CA ASN B 112 -17.73 13.67 -6.15
C ASN B 112 -17.56 15.15 -6.45
N LYS B 113 -16.31 15.63 -6.38
CA LYS B 113 -16.08 17.04 -6.76
C LYS B 113 -16.37 17.25 -8.26
N SER B 114 -16.06 16.27 -9.09
CA SER B 114 -16.35 16.45 -10.52
C SER B 114 -17.87 16.49 -10.79
N LEU B 115 -18.65 15.83 -9.95
CA LEU B 115 -20.13 15.86 -10.07
C LEU B 115 -20.78 17.11 -9.43
N ASN B 116 -20.08 17.71 -8.48
CA ASN B 116 -20.56 18.87 -7.76
C ASN B 116 -19.36 19.71 -7.39
N HIS B 117 -19.12 20.79 -8.15
CA HIS B 117 -17.81 21.46 -8.07
C HIS B 117 -17.52 22.14 -6.76
N GLU B 118 -18.52 22.35 -5.91
CA GLU B 118 -18.19 22.90 -4.61
C GLU B 118 -17.93 21.90 -3.51
N LEU B 119 -18.09 20.62 -3.80
CA LEU B 119 -18.13 19.59 -2.76
C LEU B 119 -16.78 19.02 -2.35
N GLU B 120 -16.31 19.35 -1.13
CA GLU B 120 -15.04 18.91 -0.57
C GLU B 120 -15.31 17.65 0.27
N THR B 121 -14.27 16.86 0.43
CA THR B 121 -14.34 15.68 1.35
C THR B 121 -13.28 15.90 2.45
N LEU B 122 -13.68 15.68 3.72
CA LEU B 122 -12.81 15.82 4.87
C LEU B 122 -12.79 14.47 5.56
N TYR B 123 -11.67 14.13 6.18
CA TYR B 123 -11.55 12.81 6.81
C TYR B 123 -11.23 12.91 8.27
N PHE B 124 -11.85 12.01 9.06
CA PHE B 124 -11.58 11.94 10.49
C PHE B 124 -11.09 10.53 10.75
N MET B 125 -10.51 10.31 11.93
CA MET B 125 -10.01 9.01 12.37
C MET B 125 -10.89 8.52 13.52
N PRO B 126 -11.16 7.21 13.58
CA PRO B 126 -11.87 6.71 14.78
C PRO B 126 -10.91 6.62 15.93
N THR B 127 -11.39 6.19 17.10
CA THR B 127 -10.44 5.91 18.18
C THR B 127 -9.55 4.72 17.82
N LEU B 128 -8.39 4.66 18.44
CA LEU B 128 -7.44 3.63 18.09
C LEU B 128 -8.06 2.23 18.33
N GLN B 129 -8.79 2.10 19.44
CA GLN B 129 -9.42 0.81 19.83
C GLN B 129 -10.35 0.30 18.73
N ASN B 130 -10.90 1.23 17.92
CA ASN B 130 -11.86 0.87 16.88
C ASN B 130 -11.25 0.94 15.49
N ALA B 131 -9.94 1.11 15.40
CA ALA B 131 -9.29 1.34 14.09
C ALA B 131 -9.35 0.11 13.20
N PHE B 132 -9.63 -1.05 13.77
CA PHE B 132 -9.65 -2.30 12.97
C PHE B 132 -11.06 -2.90 12.91
N ILE B 133 -12.06 -2.08 13.22
CA ILE B 133 -13.42 -2.62 13.12
C ILE B 133 -13.97 -2.36 11.70
N SER B 134 -14.71 -3.31 11.13
CA SER B 134 -15.37 -3.04 9.84
C SER B 134 -16.75 -3.67 9.95
N SER B 135 -17.69 -3.14 9.20
CA SER B 135 -19.00 -3.83 9.06
C SER B 135 -18.85 -5.27 8.55
N SER B 136 -17.92 -5.51 7.63
CA SER B 136 -17.73 -6.86 7.12
C SER B 136 -17.41 -7.88 8.24
N ILE B 137 -16.60 -7.50 9.21
CA ILE B 137 -16.32 -8.37 10.37
C ILE B 137 -17.58 -8.70 11.15
N VAL B 138 -18.38 -7.67 11.40
CA VAL B 138 -19.63 -7.85 12.15
C VAL B 138 -20.56 -8.81 11.40
N ARG B 139 -20.75 -8.58 10.11
CA ARG B 139 -21.52 -9.55 9.28
C ARG B 139 -21.02 -10.98 9.35
N SER B 140 -19.70 -11.21 9.22
CA SER B 140 -19.17 -12.59 9.26
C SER B 140 -19.50 -13.22 10.60
N ILE B 141 -19.33 -12.47 11.69
CA ILE B 141 -19.58 -13.02 13.02
C ILE B 141 -21.03 -13.36 13.21
N ILE B 142 -21.90 -12.41 12.85
CA ILE B 142 -23.33 -12.66 13.07
C ILE B 142 -23.90 -13.75 12.15
N ALA B 143 -23.32 -13.88 10.95
CA ALA B 143 -23.67 -14.92 9.97
C ALA B 143 -23.47 -16.29 10.59
N HIS B 144 -22.46 -16.39 11.44
CA HIS B 144 -22.15 -17.63 12.15
C HIS B 144 -22.71 -17.69 13.58
N LYS B 145 -23.75 -16.90 13.82
CA LYS B 145 -24.45 -16.77 15.11
C LYS B 145 -23.54 -16.48 16.29
N GLY B 146 -22.43 -15.80 16.00
CA GLY B 146 -21.50 -15.37 17.02
C GLY B 146 -21.90 -14.06 17.66
N ASP B 147 -21.18 -13.70 18.71
CA ASP B 147 -21.49 -12.54 19.51
C ASP B 147 -20.63 -11.37 19.00
N ALA B 148 -21.29 -10.45 18.31
CA ALA B 148 -20.61 -9.23 17.78
C ALA B 148 -20.96 -8.01 18.63
N SER B 149 -21.49 -8.26 19.86
CA SER B 149 -21.89 -7.14 20.72
C SER B 149 -20.76 -6.16 21.14
N HIS B 150 -19.49 -6.57 21.10
CA HIS B 150 -18.34 -5.71 21.44
C HIS B 150 -17.98 -4.73 20.30
N LEU B 151 -18.64 -4.89 19.16
CA LEU B 151 -18.26 -4.19 17.90
C LEU B 151 -19.23 -3.12 17.44
N VAL B 152 -20.44 -3.12 18.01
CA VAL B 152 -21.51 -2.24 17.53
C VAL B 152 -22.18 -1.58 18.77
N PRO B 153 -22.89 -0.45 18.57
CA PRO B 153 -23.60 0.22 19.65
C PRO B 153 -24.61 -0.72 20.29
N LYS B 154 -24.64 -0.72 21.62
CA LYS B 154 -25.45 -1.68 22.38
C LYS B 154 -26.93 -1.54 22.00
N GLU B 155 -27.31 -0.33 21.65
CA GLU B 155 -28.69 -0.11 21.30
C GLU B 155 -29.17 -0.79 20.00
N ILE B 156 -28.27 -1.25 19.12
CA ILE B 156 -28.70 -1.93 17.92
C ILE B 156 -28.53 -3.41 17.97
N TYR B 157 -27.84 -3.91 18.98
CA TYR B 157 -27.42 -5.30 18.97
C TYR B 157 -28.61 -6.28 18.81
N PRO B 158 -29.73 -6.02 19.49
CA PRO B 158 -30.83 -6.97 19.29
C PRO B 158 -31.25 -7.00 17.84
N LEU B 159 -31.08 -5.88 17.11
CA LEU B 159 -31.52 -5.83 15.72
C LEU B 159 -30.60 -6.55 14.72
N ILE B 160 -29.38 -6.87 15.13
CA ILE B 160 -28.51 -7.65 14.24
C ILE B 160 -28.25 -9.07 14.67
N SER B 161 -28.46 -9.36 15.95
CA SER B 161 -28.20 -10.69 16.47
C SER B 161 -29.02 -11.75 15.74
N LYS B 162 -28.34 -12.84 15.41
CA LYS B 162 -28.88 -13.94 14.59
C LYS B 162 -29.19 -13.60 13.13
N MET C 7 8.87 -7.56 -30.68
CA MET C 7 8.45 -6.85 -29.45
C MET C 7 7.82 -5.52 -29.87
N GLN C 8 8.51 -4.76 -30.70
CA GLN C 8 7.99 -3.47 -31.13
C GLN C 8 6.86 -3.61 -32.16
N LYS C 9 6.74 -4.78 -32.79
CA LYS C 9 5.74 -4.95 -33.85
C LYS C 9 4.27 -4.90 -33.41
N ILE C 10 3.99 -5.42 -32.23
CA ILE C 10 2.60 -5.54 -31.82
C ILE C 10 2.51 -5.60 -30.33
N GLY C 11 1.54 -4.88 -29.80
CA GLY C 11 1.20 -5.04 -28.38
C GLY C 11 -0.29 -5.31 -28.25
N ILE C 12 -0.71 -5.99 -27.17
CA ILE C 12 -2.15 -6.25 -26.90
C ILE C 12 -2.49 -5.56 -25.58
N TYR C 13 -3.53 -4.71 -25.63
CA TYR C 13 -4.03 -4.03 -24.46
C TYR C 13 -5.36 -4.68 -24.09
N PRO C 14 -5.37 -5.55 -23.07
CA PRO C 14 -6.59 -6.29 -22.77
C PRO C 14 -7.42 -5.57 -21.69
N GLY C 15 -8.71 -5.88 -21.67
CA GLY C 15 -9.52 -5.27 -20.63
C GLY C 15 -10.97 -5.70 -20.75
N THR C 16 -11.75 -5.39 -19.72
CA THR C 16 -13.19 -5.61 -19.74
C THR C 16 -13.88 -4.39 -20.42
N PHE C 17 -13.31 -3.20 -20.20
CA PHE C 17 -13.77 -1.94 -20.84
C PHE C 17 -15.28 -1.79 -20.66
N ASP C 18 -15.69 -1.75 -19.39
CA ASP C 18 -17.12 -1.74 -19.04
C ASP C 18 -17.58 -0.42 -18.30
N PRO C 19 -17.65 0.72 -19.02
CA PRO C 19 -17.30 0.95 -20.41
C PRO C 19 -15.88 1.49 -20.55
N VAL C 20 -15.45 1.67 -21.79
CA VAL C 20 -14.21 2.39 -22.02
C VAL C 20 -14.30 3.82 -21.43
N THR C 21 -13.22 4.24 -20.78
CA THR C 21 -13.14 5.59 -20.18
C THR C 21 -12.03 6.45 -20.85
N ASN C 22 -11.98 7.74 -20.48
CA ASN C 22 -10.92 8.60 -20.95
C ASN C 22 -9.55 8.07 -20.49
N GLY C 23 -9.51 7.37 -19.35
CA GLY C 23 -8.25 6.74 -18.82
C GLY C 23 -7.73 5.67 -19.79
N HIS C 24 -8.64 4.80 -20.26
CA HIS C 24 -8.25 3.76 -21.22
C HIS C 24 -7.76 4.36 -22.53
N ILE C 25 -8.46 5.39 -23.00
CA ILE C 25 -8.08 6.05 -24.24
C ILE C 25 -6.66 6.64 -24.12
N ASP C 26 -6.29 7.20 -22.97
CA ASP C 26 -4.92 7.70 -22.77
C ASP C 26 -3.91 6.59 -22.95
N ILE C 27 -4.21 5.40 -22.42
CA ILE C 27 -3.28 4.27 -22.54
C ILE C 27 -3.20 3.82 -23.99
N ILE C 28 -4.34 3.81 -24.67
CA ILE C 28 -4.34 3.48 -26.11
C ILE C 28 -3.56 4.48 -26.93
N HIS C 29 -3.75 5.76 -26.64
CA HIS C 29 -2.99 6.80 -27.32
C HIS C 29 -1.47 6.58 -27.13
N ARG C 30 -1.02 6.39 -25.88
CA ARG C 30 0.42 6.22 -25.57
C ARG C 30 1.01 4.94 -26.13
N SER C 31 0.29 3.83 -25.96
CA SER C 31 0.85 2.56 -26.42
C SER C 31 0.82 2.44 -27.96
N SER C 32 -0.18 3.04 -28.60
CA SER C 32 -0.26 2.99 -30.07
C SER C 32 0.83 3.83 -30.74
N GLU C 33 1.37 4.83 -30.04
CA GLU C 33 2.52 5.59 -30.53
C GLU C 33 3.79 4.78 -30.47
N LEU C 34 3.80 3.75 -29.63
CA LEU C 34 4.99 2.92 -29.47
C LEU C 34 5.07 1.71 -30.41
N PHE C 35 3.99 0.92 -30.50
CA PHE C 35 3.93 -0.31 -31.30
C PHE C 35 3.48 -0.07 -32.73
N GLU C 36 3.99 -0.85 -33.66
CA GLU C 36 3.54 -0.76 -35.06
C GLU C 36 2.01 -1.02 -35.14
N LYS C 37 1.54 -2.01 -34.38
CA LYS C 37 0.12 -2.31 -34.26
C LYS C 37 -0.25 -2.51 -32.81
N LEU C 38 -1.40 -1.96 -32.43
CA LEU C 38 -1.91 -2.21 -31.10
C LEU C 38 -3.27 -2.89 -31.22
N ILE C 39 -3.39 -4.03 -30.56
CA ILE C 39 -4.65 -4.72 -30.49
C ILE C 39 -5.32 -4.42 -29.16
N VAL C 40 -6.53 -3.89 -29.22
CA VAL C 40 -7.33 -3.66 -28.01
C VAL C 40 -8.23 -4.87 -27.89
N ALA C 41 -8.00 -5.67 -26.83
CA ALA C 41 -8.64 -6.97 -26.72
C ALA C 41 -9.67 -6.92 -25.61
N VAL C 42 -10.95 -7.01 -25.99
CA VAL C 42 -12.05 -6.90 -25.01
C VAL C 42 -12.45 -8.30 -24.54
N ALA C 43 -12.21 -8.57 -23.26
CA ALA C 43 -12.51 -9.88 -22.68
C ALA C 43 -13.99 -10.04 -22.38
N HIS C 44 -14.51 -11.25 -22.55
CA HIS C 44 -15.90 -11.50 -22.12
C HIS C 44 -16.11 -11.14 -20.64
N SER C 45 -15.23 -11.64 -19.77
CA SER C 45 -15.26 -11.34 -18.32
C SER C 45 -16.63 -11.65 -17.70
N SER C 46 -17.19 -12.82 -18.03
CA SER C 46 -18.49 -13.23 -17.47
C SER C 46 -18.55 -13.24 -15.92
N ALA C 47 -17.44 -13.65 -15.28
CA ALA C 47 -17.32 -13.68 -13.80
C ALA C 47 -17.42 -12.31 -13.13
N LYS C 48 -17.11 -11.25 -13.87
CA LYS C 48 -17.60 -9.95 -13.46
C LYS C 48 -19.00 -10.06 -14.04
N ASN C 49 -19.96 -9.32 -13.56
CA ASN C 49 -21.20 -9.37 -14.32
C ASN C 49 -21.21 -8.03 -14.99
N PRO C 50 -20.56 -7.91 -16.18
CA PRO C 50 -20.40 -6.51 -16.65
C PRO C 50 -21.73 -5.85 -16.92
N MET C 51 -21.78 -4.54 -16.71
CA MET C 51 -22.95 -3.73 -17.03
C MET C 51 -23.33 -3.78 -18.51
N PHE C 52 -22.35 -3.62 -19.37
CA PHE C 52 -22.56 -3.67 -20.81
C PHE C 52 -22.17 -5.03 -21.39
N SER C 53 -22.91 -5.49 -22.42
CA SER C 53 -22.63 -6.76 -23.05
C SER C 53 -21.31 -6.69 -23.79
N LEU C 54 -20.75 -7.86 -24.07
CA LEU C 54 -19.52 -7.92 -24.85
C LEU C 54 -19.68 -7.20 -26.18
N ASP C 55 -20.79 -7.45 -26.87
CA ASP C 55 -21.06 -6.71 -28.08
C ASP C 55 -21.07 -5.18 -27.92
N GLU C 56 -21.77 -4.69 -26.90
CA GLU C 56 -21.80 -3.26 -26.59
C GLU C 56 -20.39 -2.71 -26.29
N ARG C 57 -19.62 -3.47 -25.51
CA ARG C 57 -18.30 -2.98 -25.06
C ARG C 57 -17.34 -2.92 -26.25
N LEU C 58 -17.39 -3.92 -27.12
CA LEU C 58 -16.60 -3.91 -28.34
C LEU C 58 -16.99 -2.73 -29.27
N LYS C 59 -18.28 -2.53 -29.49
CA LYS C 59 -18.77 -1.45 -30.35
C LYS C 59 -18.31 -0.09 -29.81
N MET C 60 -18.40 0.09 -28.48
CA MET C 60 -18.01 1.36 -27.86
C MET C 60 -16.54 1.64 -28.02
N ILE C 61 -15.70 0.63 -27.78
CA ILE C 61 -14.29 0.88 -27.89
C ILE C 61 -13.88 1.05 -29.35
N GLN C 62 -14.55 0.33 -30.26
CA GLN C 62 -14.33 0.56 -31.69
C GLN C 62 -14.62 1.99 -32.06
N LEU C 63 -15.75 2.53 -31.61
CA LEU C 63 -16.07 3.93 -31.91
C LEU C 63 -15.09 4.91 -31.30
N ALA C 64 -14.74 4.69 -30.05
CA ALA C 64 -13.81 5.57 -29.32
C ALA C 64 -12.39 5.51 -29.90
N THR C 65 -12.05 4.48 -30.69
CA THR C 65 -10.67 4.34 -31.20
C THR C 65 -10.53 4.51 -32.71
N LYS C 66 -11.64 4.90 -33.35
CA LYS C 66 -11.66 5.11 -34.80
C LYS C 66 -10.52 6.04 -35.31
N SER C 67 -10.07 6.98 -34.48
CA SER C 67 -9.05 7.96 -34.88
C SER C 67 -7.61 7.42 -34.88
N PHE C 68 -7.41 6.27 -34.23
CA PHE C 68 -6.10 5.64 -34.15
C PHE C 68 -5.97 4.61 -35.25
N LYS C 69 -5.28 4.97 -36.33
CA LYS C 69 -5.22 4.16 -37.55
C LYS C 69 -4.59 2.80 -37.33
N ASN C 70 -3.68 2.68 -36.36
CA ASN C 70 -2.98 1.42 -36.15
C ASN C 70 -3.53 0.63 -34.96
N VAL C 71 -4.77 0.90 -34.58
CA VAL C 71 -5.39 0.21 -33.44
C VAL C 71 -6.50 -0.62 -34.03
N GLU C 72 -6.56 -1.88 -33.63
CA GLU C 72 -7.65 -2.75 -34.02
C GLU C 72 -8.27 -3.33 -32.77
N CYS C 73 -9.59 -3.29 -32.66
CA CYS C 73 -10.25 -3.84 -31.44
C CYS C 73 -10.90 -5.21 -31.76
N VAL C 74 -10.72 -6.17 -30.86
CA VAL C 74 -11.28 -7.52 -31.02
C VAL C 74 -11.92 -7.96 -29.69
N ALA C 75 -12.89 -8.86 -29.72
CA ALA C 75 -13.37 -9.50 -28.49
C ALA C 75 -12.72 -10.85 -28.42
N PHE C 76 -12.57 -11.38 -27.20
CA PHE C 76 -12.02 -12.73 -27.04
C PHE C 76 -12.63 -13.41 -25.81
N GLU C 77 -12.69 -14.75 -25.86
CA GLU C 77 -13.40 -15.53 -24.83
C GLU C 77 -12.57 -16.43 -23.92
N GLY C 78 -11.37 -16.78 -24.35
CA GLY C 78 -10.54 -17.73 -23.60
C GLY C 78 -9.30 -17.04 -23.00
N LEU C 79 -8.17 -17.75 -22.88
CA LEU C 79 -6.97 -17.18 -22.22
C LEU C 79 -6.27 -16.12 -23.05
N LEU C 80 -5.96 -15.01 -22.38
CA LEU C 80 -5.22 -13.92 -23.03
C LEU C 80 -3.87 -14.44 -23.52
N ALA C 81 -3.22 -15.29 -22.71
CA ALA C 81 -1.89 -15.81 -23.10
C ALA C 81 -1.94 -16.58 -24.41
N ASN C 82 -3.06 -17.25 -24.70
CA ASN C 82 -3.25 -17.91 -26.01
C ASN C 82 -3.59 -16.95 -27.13
N LEU C 83 -4.33 -15.89 -26.82
CA LEU C 83 -4.64 -14.87 -27.84
C LEU C 83 -3.34 -14.23 -28.33
N ALA C 84 -2.44 -13.96 -27.39
CA ALA C 84 -1.17 -13.37 -27.70
C ALA C 84 -0.40 -14.24 -28.71
N LYS C 85 -0.49 -15.57 -28.55
CA LYS C 85 0.18 -16.49 -29.50
C LYS C 85 -0.34 -16.35 -30.90
N GLU C 86 -1.64 -16.18 -31.05
CA GLU C 86 -2.25 -16.09 -32.39
C GLU C 86 -1.77 -14.85 -33.12
N TYR C 87 -1.46 -13.79 -32.33
CA TYR C 87 -0.90 -12.55 -32.87
C TYR C 87 0.61 -12.46 -32.93
N HIS C 88 1.30 -13.54 -32.56
CA HIS C 88 2.75 -13.58 -32.41
C HIS C 88 3.20 -12.35 -31.61
N CYS C 89 2.43 -12.06 -30.57
CA CYS C 89 2.62 -10.89 -29.72
C CYS C 89 3.35 -11.30 -28.44
N LYS C 90 4.42 -10.58 -28.15
CA LYS C 90 5.22 -10.79 -26.95
C LYS C 90 5.02 -9.74 -25.85
N VAL C 91 4.06 -8.84 -26.01
CA VAL C 91 3.91 -7.72 -25.06
C VAL C 91 2.45 -7.46 -24.78
N LEU C 92 2.09 -7.58 -23.50
CA LEU C 92 0.82 -7.11 -23.02
C LEU C 92 1.01 -5.68 -22.50
N VAL C 93 0.06 -4.81 -22.82
CA VAL C 93 0.05 -3.41 -22.42
C VAL C 93 -0.93 -3.25 -21.27
N ARG C 94 -0.50 -2.65 -20.16
CA ARG C 94 -1.39 -2.40 -19.05
C ARG C 94 -1.23 -0.93 -18.62
N GLY C 95 -2.27 -0.38 -18.04
CA GLY C 95 -2.18 0.99 -17.54
C GLY C 95 -2.03 1.01 -16.05
N LEU C 96 -1.23 1.96 -15.54
CA LEU C 96 -1.07 2.11 -14.12
C LEU C 96 -1.67 3.43 -13.72
N ARG C 97 -2.75 3.37 -12.95
CA ARG C 97 -3.36 4.58 -12.37
C ARG C 97 -3.25 4.57 -10.86
N VAL C 98 -3.80 5.63 -10.27
CA VAL C 98 -3.71 5.82 -8.83
C VAL C 98 -4.23 4.62 -8.03
N VAL C 99 -5.40 4.12 -8.40
CA VAL C 99 -6.00 3.01 -7.62
C VAL C 99 -5.60 1.65 -8.16
N SER C 100 -4.61 1.61 -9.06
CA SER C 100 -4.16 0.30 -9.53
C SER C 100 -3.72 -0.54 -8.36
N ASP C 101 -3.96 -1.85 -8.45
CA ASP C 101 -3.46 -2.74 -7.43
C ASP C 101 -2.14 -3.23 -7.96
N PHE C 102 -1.09 -2.59 -7.47
CA PHE C 102 0.22 -2.77 -8.01
C PHE C 102 0.67 -4.22 -7.92
N GLU C 103 0.43 -4.84 -6.76
CA GLU C 103 0.95 -6.18 -6.55
C GLU C 103 0.19 -7.18 -7.41
N TYR C 104 -1.10 -6.92 -7.58
CA TYR C 104 -1.94 -7.78 -8.40
C TYR C 104 -1.48 -7.71 -9.84
N GLU C 105 -1.03 -6.53 -10.27
CA GLU C 105 -0.51 -6.40 -11.64
C GLU C 105 0.74 -7.26 -11.84
N LEU C 106 1.65 -7.27 -10.87
CA LEU C 106 2.89 -8.04 -10.97
C LEU C 106 2.47 -9.50 -11.02
N GLN C 107 1.54 -9.84 -10.13
CA GLN C 107 1.05 -11.22 -10.06
C GLN C 107 0.53 -11.69 -11.41
N MET C 108 -0.34 -10.87 -12.00
CA MET C 108 -0.96 -11.20 -13.27
C MET C 108 0.08 -11.23 -14.38
N GLY C 109 1.06 -10.33 -14.34
CA GLY C 109 2.13 -10.39 -15.34
C GLY C 109 2.90 -11.70 -15.24
N TYR C 110 3.19 -12.15 -14.01
CA TYR C 110 3.94 -13.40 -13.85
C TYR C 110 3.08 -14.61 -14.20
N ALA C 111 1.79 -14.51 -13.90
CA ALA C 111 0.87 -15.62 -14.29
C ALA C 111 0.74 -15.79 -15.79
N ASN C 112 0.64 -14.65 -16.50
CA ASN C 112 0.65 -14.70 -17.98
C ASN C 112 1.95 -15.26 -18.54
N LYS C 113 3.07 -14.86 -17.95
CA LYS C 113 4.35 -15.37 -18.40
C LYS C 113 4.47 -16.87 -18.13
N SER C 114 3.89 -17.31 -17.03
CA SER C 114 3.92 -18.77 -16.74
C SER C 114 3.10 -19.56 -17.76
N LEU C 115 2.10 -18.91 -18.35
CA LEU C 115 1.26 -19.54 -19.36
C LEU C 115 1.79 -19.37 -20.78
N ASN C 116 2.70 -18.42 -20.98
CA ASN C 116 3.26 -18.20 -22.31
C ASN C 116 4.59 -17.54 -22.06
N HIS C 117 5.66 -18.34 -22.21
CA HIS C 117 6.95 -17.92 -21.70
C HIS C 117 7.58 -16.74 -22.42
N GLU C 118 7.03 -16.38 -23.57
CA GLU C 118 7.49 -15.27 -24.37
C GLU C 118 6.84 -13.95 -23.95
N LEU C 119 5.86 -13.99 -23.05
CA LEU C 119 4.88 -12.88 -22.94
C LEU C 119 5.21 -11.92 -21.82
N GLU C 120 5.74 -10.74 -22.15
CA GLU C 120 6.09 -9.71 -21.16
C GLU C 120 4.94 -8.75 -20.96
N THR C 121 4.93 -8.09 -19.80
CA THR C 121 3.90 -7.05 -19.58
C THR C 121 4.60 -5.71 -19.42
N LEU C 122 4.12 -4.70 -20.11
CA LEU C 122 4.70 -3.33 -20.05
C LEU C 122 3.59 -2.38 -19.57
N TYR C 123 3.94 -1.37 -18.78
CA TYR C 123 2.93 -0.49 -18.20
C TYR C 123 3.13 0.94 -18.65
N PHE C 124 2.01 1.60 -18.92
CA PHE C 124 1.97 3.01 -19.31
C PHE C 124 1.11 3.74 -18.26
N MET C 125 1.25 5.07 -18.22
CA MET C 125 0.46 5.92 -17.31
C MET C 125 -0.53 6.74 -18.12
N PRO C 126 -1.73 6.97 -17.59
CA PRO C 126 -2.62 7.94 -18.25
C PRO C 126 -2.17 9.35 -17.92
N THR C 127 -2.87 10.34 -18.47
CA THR C 127 -2.59 11.73 -18.13
C THR C 127 -2.96 11.93 -16.68
N LEU C 128 -2.29 12.86 -16.00
CA LEU C 128 -2.60 13.19 -14.62
C LEU C 128 -4.09 13.39 -14.37
N GLN C 129 -4.74 14.14 -15.26
CA GLN C 129 -6.16 14.47 -15.06
C GLN C 129 -7.08 13.25 -15.07
N ASN C 130 -6.62 12.16 -15.67
CA ASN C 130 -7.36 10.90 -15.78
C ASN C 130 -6.83 9.83 -14.82
N ALA C 131 -5.91 10.19 -13.93
CA ALA C 131 -5.24 9.18 -13.10
C ALA C 131 -6.21 8.59 -12.06
N PHE C 132 -7.33 9.26 -11.80
CA PHE C 132 -8.27 8.77 -10.80
C PHE C 132 -9.59 8.33 -11.45
N ILE C 133 -9.59 8.07 -12.76
CA ILE C 133 -10.89 7.67 -13.35
C ILE C 133 -10.92 6.16 -13.33
N SER C 134 -12.09 5.54 -13.11
CA SER C 134 -12.18 4.08 -13.29
C SER C 134 -13.52 3.83 -13.95
N SER C 135 -13.63 2.69 -14.61
CA SER C 135 -14.94 2.25 -15.12
C SER C 135 -15.98 2.13 -14.02
N SER C 136 -15.56 1.68 -12.87
CA SER C 136 -16.54 1.46 -11.79
C SER C 136 -17.26 2.77 -11.40
N ILE C 137 -16.52 3.88 -11.43
CA ILE C 137 -17.12 5.20 -11.16
C ILE C 137 -18.13 5.59 -12.21
N VAL C 138 -17.77 5.39 -13.48
CA VAL C 138 -18.72 5.60 -14.56
C VAL C 138 -19.98 4.77 -14.34
N ARG C 139 -19.83 3.47 -14.06
CA ARG C 139 -21.03 2.65 -13.81
C ARG C 139 -21.90 3.15 -12.69
N SER C 140 -21.27 3.54 -11.59
CA SER C 140 -22.04 3.99 -10.43
C SER C 140 -22.81 5.25 -10.81
N ILE C 141 -22.12 6.15 -11.51
CA ILE C 141 -22.79 7.40 -11.92
C ILE C 141 -23.98 7.13 -12.85
N ILE C 142 -23.76 6.36 -13.91
CA ILE C 142 -24.82 5.96 -14.85
C ILE C 142 -25.98 5.24 -14.18
N ALA C 143 -25.68 4.37 -13.22
CA ALA C 143 -26.73 3.60 -12.52
C ALA C 143 -27.60 4.49 -11.65
N HIS C 144 -27.05 5.61 -11.24
CA HIS C 144 -27.77 6.54 -10.41
C HIS C 144 -28.29 7.70 -11.28
N LYS C 145 -28.25 7.48 -12.61
CA LYS C 145 -28.82 8.35 -13.66
C LYS C 145 -28.16 9.73 -13.71
N GLY C 146 -26.88 9.76 -13.37
CA GLY C 146 -26.12 10.98 -13.30
C GLY C 146 -25.32 11.20 -14.55
N ASP C 147 -24.60 12.33 -14.59
CA ASP C 147 -23.89 12.76 -15.80
C ASP C 147 -22.43 12.31 -15.74
N ALA C 148 -22.07 11.29 -16.50
CA ALA C 148 -20.68 10.82 -16.57
C ALA C 148 -19.95 11.25 -17.86
N SER C 149 -20.46 12.28 -18.53
CA SER C 149 -19.93 12.65 -19.86
C SER C 149 -18.49 13.15 -19.79
N HIS C 150 -18.05 13.64 -18.63
CA HIS C 150 -16.73 14.14 -18.46
C HIS C 150 -15.70 13.02 -18.26
N LEU C 151 -16.17 11.77 -18.22
CA LEU C 151 -15.29 10.63 -17.87
C LEU C 151 -15.05 9.66 -19.01
N VAL C 152 -15.80 9.80 -20.10
CA VAL C 152 -15.72 8.83 -21.18
C VAL C 152 -15.64 9.55 -22.51
N PRO C 153 -15.13 8.85 -23.54
CA PRO C 153 -15.06 9.51 -24.84
C PRO C 153 -16.45 9.99 -25.33
N LYS C 154 -16.48 11.14 -25.96
CA LYS C 154 -17.75 11.76 -26.32
C LYS C 154 -18.54 10.85 -27.26
N GLU C 155 -17.84 10.08 -28.09
CA GLU C 155 -18.56 9.23 -29.06
C GLU C 155 -19.35 8.06 -28.44
N ILE C 156 -19.08 7.72 -27.17
CA ILE C 156 -19.84 6.65 -26.55
C ILE C 156 -20.93 7.18 -25.63
N TYR C 157 -20.90 8.47 -25.31
CA TYR C 157 -21.82 8.90 -24.24
C TYR C 157 -23.32 8.63 -24.52
N PRO C 158 -23.81 8.94 -25.74
CA PRO C 158 -25.19 8.65 -26.06
C PRO C 158 -25.56 7.17 -25.94
N LEU C 159 -24.58 6.28 -26.03
CA LEU C 159 -24.81 4.86 -25.91
C LEU C 159 -24.86 4.35 -24.47
N ILE C 160 -24.28 5.09 -23.52
CA ILE C 160 -24.31 4.65 -22.11
C ILE C 160 -25.31 5.36 -21.20
N SER C 161 -25.77 6.52 -21.64
CA SER C 161 -26.37 7.51 -20.74
C SER C 161 -27.78 7.17 -20.27
N LYS C 162 -28.05 7.43 -18.98
CA LYS C 162 -29.40 7.34 -18.38
C LYS C 162 -29.99 5.92 -18.34
N MET D 7 12.93 -26.49 14.60
CA MET D 7 12.84 -25.01 14.48
C MET D 7 12.28 -24.37 15.74
N GLN D 8 11.52 -25.14 16.51
CA GLN D 8 10.89 -24.63 17.72
C GLN D 8 11.89 -24.43 18.88
N LYS D 9 13.11 -24.92 18.76
CA LYS D 9 14.10 -24.78 19.85
C LYS D 9 14.69 -23.38 20.06
N ILE D 10 14.77 -22.58 18.99
CA ILE D 10 15.41 -21.27 19.09
C ILE D 10 14.89 -20.35 18.00
N GLY D 11 14.57 -19.12 18.38
CA GLY D 11 14.22 -18.08 17.41
C GLY D 11 15.10 -16.88 17.71
N ILE D 12 15.45 -16.13 16.68
CA ILE D 12 16.17 -14.88 16.87
C ILE D 12 15.25 -13.75 16.46
N TYR D 13 15.05 -12.80 17.39
CA TYR D 13 14.30 -11.58 17.13
C TYR D 13 15.31 -10.43 16.99
N PRO D 14 15.64 -10.04 15.74
CA PRO D 14 16.61 -8.97 15.51
C PRO D 14 15.98 -7.57 15.46
N GLY D 15 16.81 -6.58 15.75
CA GLY D 15 16.35 -5.21 15.66
C GLY D 15 17.44 -4.23 16.03
N THR D 16 17.19 -2.98 15.71
CA THR D 16 18.03 -1.88 16.15
C THR D 16 17.66 -1.45 17.59
N PHE D 17 16.37 -1.60 17.93
CA PHE D 17 15.87 -1.29 19.29
C PHE D 17 16.39 0.07 19.80
N ASP D 18 16.01 1.12 19.10
CA ASP D 18 16.57 2.46 19.37
C ASP D 18 15.44 3.45 19.75
N PRO D 19 14.83 3.31 20.93
CA PRO D 19 15.07 2.31 21.95
C PRO D 19 14.03 1.21 21.81
N VAL D 20 14.20 0.17 22.61
CA VAL D 20 13.12 -0.83 22.74
C VAL D 20 11.80 -0.18 23.22
N THR D 21 10.68 -0.61 22.63
CA THR D 21 9.35 -0.05 22.95
C THR D 21 8.40 -1.12 23.47
N ASN D 22 7.23 -0.67 23.91
CA ASN D 22 6.19 -1.61 24.35
C ASN D 22 5.80 -2.58 23.24
N GLY D 23 5.86 -2.12 21.98
CA GLY D 23 5.56 -2.91 20.77
C GLY D 23 6.56 -4.07 20.66
N HIS D 24 7.83 -3.78 20.83
CA HIS D 24 8.84 -4.82 20.74
C HIS D 24 8.63 -5.82 21.88
N ILE D 25 8.29 -5.31 23.08
CA ILE D 25 8.10 -6.21 24.22
C ILE D 25 6.93 -7.20 23.98
N ASP D 26 5.86 -6.70 23.35
CA ASP D 26 4.74 -7.58 22.95
C ASP D 26 5.25 -8.74 22.09
N ILE D 27 6.12 -8.44 21.12
CA ILE D 27 6.65 -9.48 20.18
C ILE D 27 7.53 -10.46 20.95
N ILE D 28 8.33 -9.93 21.87
CA ILE D 28 9.19 -10.79 22.74
C ILE D 28 8.33 -11.70 23.60
N HIS D 29 7.28 -11.13 24.20
CA HIS D 29 6.34 -11.92 25.03
C HIS D 29 5.75 -13.10 24.24
N ARG D 30 5.23 -12.81 23.05
CA ARG D 30 4.56 -13.79 22.21
C ARG D 30 5.52 -14.81 21.63
N SER D 31 6.66 -14.36 21.14
CA SER D 31 7.62 -15.30 20.55
C SER D 31 8.30 -16.15 21.63
N SER D 32 8.55 -15.57 22.82
CA SER D 32 9.22 -16.35 23.89
C SER D 32 8.33 -17.48 24.39
N GLU D 33 7.02 -17.33 24.18
CA GLU D 33 6.06 -18.38 24.53
C GLU D 33 6.15 -19.54 23.56
N LEU D 34 6.48 -19.25 22.32
CA LEU D 34 6.50 -20.24 21.28
C LEU D 34 7.80 -21.03 21.35
N PHE D 35 8.93 -20.31 21.43
CA PHE D 35 10.24 -20.95 21.34
C PHE D 35 10.78 -21.39 22.70
N GLU D 36 11.51 -22.50 22.70
CA GLU D 36 12.23 -22.88 23.89
C GLU D 36 13.19 -21.79 24.35
N LYS D 37 13.95 -21.24 23.39
CA LYS D 37 14.90 -20.17 23.66
C LYS D 37 14.66 -19.02 22.67
N LEU D 38 14.61 -17.79 23.14
CA LEU D 38 14.53 -16.65 22.23
C LEU D 38 15.76 -15.77 22.39
N ILE D 39 16.51 -15.59 21.31
CA ILE D 39 17.58 -14.62 21.30
C ILE D 39 17.04 -13.30 20.80
N VAL D 40 17.20 -12.27 21.61
CA VAL D 40 16.90 -10.92 21.13
C VAL D 40 18.22 -10.32 20.67
N ALA D 41 18.32 -9.95 19.39
CA ALA D 41 19.64 -9.62 18.85
C ALA D 41 19.66 -8.18 18.40
N VAL D 42 20.48 -7.39 19.07
CA VAL D 42 20.55 -5.96 18.79
C VAL D 42 21.67 -5.73 17.79
N ALA D 43 21.32 -5.20 16.63
CA ALA D 43 22.30 -4.93 15.58
C ALA D 43 22.98 -3.60 15.81
N HIS D 44 24.24 -3.48 15.41
CA HIS D 44 24.93 -2.20 15.47
C HIS D 44 24.17 -1.11 14.69
N SER D 45 23.79 -1.43 13.45
CA SER D 45 23.03 -0.52 12.59
C SER D 45 23.64 0.86 12.51
N SER D 46 24.97 0.91 12.39
CA SER D 46 25.69 2.18 12.29
C SER D 46 25.16 2.99 11.11
N ALA D 47 24.74 2.31 10.03
CA ALA D 47 24.21 3.00 8.83
C ALA D 47 22.93 3.81 9.09
N LYS D 48 22.04 3.30 9.96
CA LYS D 48 21.03 4.15 10.57
C LYS D 48 21.87 4.96 11.55
N ASN D 49 21.44 6.13 11.98
CA ASN D 49 22.36 6.82 12.89
C ASN D 49 21.77 6.80 14.29
N PRO D 50 21.85 5.65 14.99
CA PRO D 50 20.94 5.53 16.14
C PRO D 50 21.15 6.57 17.22
N MET D 51 20.05 6.95 17.85
CA MET D 51 20.07 7.90 18.94
C MET D 51 20.91 7.39 20.10
N PHE D 52 20.69 6.11 20.43
CA PHE D 52 21.38 5.46 21.55
C PHE D 52 22.50 4.59 21.02
N SER D 53 23.63 4.54 21.75
CA SER D 53 24.72 3.63 21.39
C SER D 53 24.31 2.16 21.47
N LEU D 54 25.09 1.30 20.81
CA LEU D 54 24.88 -0.15 20.89
C LEU D 54 24.91 -0.61 22.35
N ASP D 55 25.88 -0.13 23.13
CA ASP D 55 25.97 -0.48 24.54
C ASP D 55 24.71 -0.10 25.28
N GLU D 56 24.21 1.10 24.99
CA GLU D 56 23.01 1.59 25.65
C GLU D 56 21.81 0.75 25.25
N ARG D 57 21.74 0.39 23.97
CA ARG D 57 20.56 -0.31 23.43
C ARG D 57 20.54 -1.76 23.96
N LEU D 58 21.72 -2.38 24.04
CA LEU D 58 21.79 -3.73 24.64
C LEU D 58 21.35 -3.69 26.12
N LYS D 59 21.91 -2.74 26.89
CA LYS D 59 21.53 -2.54 28.30
C LYS D 59 20.00 -2.40 28.47
N MET D 60 19.41 -1.54 27.66
CA MET D 60 17.96 -1.32 27.73
C MET D 60 17.16 -2.57 27.47
N ILE D 61 17.55 -3.33 26.45
CA ILE D 61 16.84 -4.56 26.19
C ILE D 61 17.04 -5.66 27.24
N GLN D 62 18.27 -5.76 27.77
CA GLN D 62 18.51 -6.63 28.91
C GLN D 62 17.56 -6.29 30.09
N LEU D 63 17.50 -5.00 30.45
CA LEU D 63 16.66 -4.54 31.56
C LEU D 63 15.18 -4.83 31.35
N ALA D 64 14.75 -4.62 30.09
CA ALA D 64 13.36 -4.78 29.72
C ALA D 64 12.91 -6.25 29.61
N THR D 65 13.85 -7.20 29.49
CA THR D 65 13.50 -8.59 29.25
C THR D 65 13.85 -9.47 30.41
N LYS D 66 14.16 -8.87 31.56
CA LYS D 66 14.61 -9.65 32.70
C LYS D 66 13.56 -10.66 33.17
N SER D 67 12.28 -10.32 33.06
CA SER D 67 11.18 -11.20 33.49
C SER D 67 10.93 -12.42 32.58
N PHE D 68 11.48 -12.42 31.36
CA PHE D 68 11.34 -13.56 30.45
C PHE D 68 12.53 -14.52 30.61
N LYS D 69 12.30 -15.63 31.30
CA LYS D 69 13.39 -16.50 31.73
C LYS D 69 14.15 -17.14 30.57
N ASN D 70 13.45 -17.34 29.45
CA ASN D 70 14.02 -18.04 28.30
C ASN D 70 14.48 -17.07 27.16
N VAL D 71 14.66 -15.79 27.49
CA VAL D 71 15.17 -14.78 26.55
C VAL D 71 16.62 -14.39 26.89
N GLU D 72 17.49 -14.32 25.88
CA GLU D 72 18.87 -13.86 26.04
C GLU D 72 19.12 -12.78 25.01
N CYS D 73 19.69 -11.66 25.45
CA CYS D 73 19.95 -10.52 24.58
C CYS D 73 21.42 -10.51 24.17
N VAL D 74 21.70 -10.25 22.90
CA VAL D 74 23.08 -10.17 22.41
C VAL D 74 23.23 -8.99 21.45
N ALA D 75 24.40 -8.38 21.43
CA ALA D 75 24.68 -7.36 20.40
C ALA D 75 25.42 -8.06 19.27
N PHE D 76 25.15 -7.66 18.05
CA PHE D 76 25.90 -8.25 16.95
C PHE D 76 26.31 -7.24 15.90
N GLU D 77 27.46 -7.48 15.29
CA GLU D 77 28.01 -6.53 14.33
C GLU D 77 27.96 -6.96 12.86
N GLY D 78 27.79 -8.25 12.59
CA GLY D 78 27.86 -8.75 11.22
C GLY D 78 26.49 -9.06 10.60
N LEU D 79 26.47 -10.06 9.72
CA LEU D 79 25.23 -10.43 9.05
C LEU D 79 24.35 -11.28 9.94
N LEU D 80 23.08 -10.90 10.01
CA LEU D 80 22.10 -11.69 10.76
C LEU D 80 22.06 -13.14 10.32
N ALA D 81 22.15 -13.35 9.02
CA ALA D 81 22.09 -14.69 8.47
C ALA D 81 23.25 -15.55 9.02
N ASN D 82 24.42 -14.94 9.20
CA ASN D 82 25.55 -15.64 9.84
C ASN D 82 25.37 -15.85 11.33
N LEU D 83 24.79 -14.87 12.03
CA LEU D 83 24.49 -15.00 13.46
C LEU D 83 23.56 -16.20 13.68
N ALA D 84 22.59 -16.37 12.79
CA ALA D 84 21.64 -17.46 12.89
C ALA D 84 22.38 -18.78 12.77
N LYS D 85 23.31 -18.84 11.84
CA LYS D 85 24.14 -20.04 11.65
C LYS D 85 24.95 -20.37 12.90
N GLU D 86 25.53 -19.35 13.51
CA GLU D 86 26.31 -19.47 14.73
C GLU D 86 25.46 -20.03 15.89
N TYR D 87 24.20 -19.63 15.96
CA TYR D 87 23.28 -20.07 17.04
C TYR D 87 22.53 -21.33 16.64
N HIS D 88 22.92 -21.92 15.51
CA HIS D 88 22.22 -23.03 14.90
C HIS D 88 20.70 -22.81 14.93
N CYS D 89 20.31 -21.62 14.47
CA CYS D 89 18.91 -21.20 14.50
C CYS D 89 18.36 -21.11 13.08
N LYS D 90 17.16 -21.66 12.85
CA LYS D 90 16.55 -21.59 11.52
C LYS D 90 15.33 -20.69 11.44
N VAL D 91 15.09 -19.85 12.46
CA VAL D 91 13.88 -19.03 12.48
C VAL D 91 14.20 -17.60 12.91
N LEU D 92 13.91 -16.64 12.04
CA LEU D 92 13.92 -15.23 12.45
C LEU D 92 12.52 -14.83 12.84
N VAL D 93 12.44 -14.04 13.90
CA VAL D 93 11.15 -13.56 14.45
C VAL D 93 11.04 -12.10 14.08
N ARG D 94 9.93 -11.72 13.43
CA ARG D 94 9.68 -10.31 13.15
C ARG D 94 8.28 -9.91 13.60
N GLY D 95 8.09 -8.63 13.91
CA GLY D 95 6.75 -8.13 14.26
C GLY D 95 6.10 -7.40 13.09
N LEU D 96 4.80 -7.60 12.93
CA LEU D 96 3.99 -6.89 11.93
C LEU D 96 3.08 -5.92 12.60
N ARG D 97 3.32 -4.63 12.34
CA ARG D 97 2.48 -3.59 12.87
C ARG D 97 1.84 -2.86 11.71
N VAL D 98 1.00 -1.92 12.07
CA VAL D 98 0.31 -1.10 11.09
C VAL D 98 1.24 -0.42 10.08
N VAL D 99 2.29 0.22 10.58
CA VAL D 99 3.21 0.94 9.72
C VAL D 99 4.35 0.04 9.21
N SER D 100 4.25 -1.27 9.45
CA SER D 100 5.26 -2.15 8.86
C SER D 100 5.29 -1.99 7.35
N ASP D 101 6.47 -2.14 6.76
CA ASP D 101 6.56 -2.08 5.31
C ASP D 101 6.50 -3.52 4.84
N PHE D 102 5.30 -3.95 4.53
CA PHE D 102 5.03 -5.35 4.36
C PHE D 102 5.90 -5.94 3.26
N GLU D 103 5.94 -5.27 2.12
CA GLU D 103 6.75 -5.75 1.01
C GLU D 103 8.25 -5.83 1.35
N TYR D 104 8.73 -4.86 2.12
CA TYR D 104 10.13 -4.84 2.56
C TYR D 104 10.46 -6.03 3.46
N GLU D 105 9.50 -6.39 4.32
CA GLU D 105 9.66 -7.56 5.19
C GLU D 105 9.80 -8.82 4.34
N LEU D 106 8.99 -8.93 3.29
CA LEU D 106 9.07 -10.09 2.39
C LEU D 106 10.45 -10.11 1.73
N GLN D 107 10.84 -8.95 1.20
CA GLN D 107 12.14 -8.81 0.59
C GLN D 107 13.29 -9.21 1.53
N MET D 108 13.24 -8.76 2.78
CA MET D 108 14.32 -9.05 3.73
C MET D 108 14.33 -10.55 4.08
N GLY D 109 13.14 -11.13 4.24
CA GLY D 109 12.98 -12.56 4.49
C GLY D 109 13.65 -13.39 3.40
N TYR D 110 13.34 -13.11 2.15
CA TYR D 110 14.00 -13.79 1.03
C TYR D 110 15.49 -13.50 0.93
N ALA D 111 15.91 -12.27 1.27
CA ALA D 111 17.35 -11.96 1.22
C ALA D 111 18.14 -12.74 2.26
N ASN D 112 17.58 -12.83 3.45
CA ASN D 112 18.16 -13.65 4.51
C ASN D 112 18.23 -15.14 4.12
N LYS D 113 17.17 -15.65 3.50
CA LYS D 113 17.16 -17.04 3.06
C LYS D 113 18.15 -17.30 1.93
N SER D 114 18.43 -16.29 1.12
CA SER D 114 19.47 -16.43 0.08
C SER D 114 20.87 -16.54 0.70
N LEU D 115 21.09 -15.82 1.80
CA LEU D 115 22.37 -15.82 2.54
C LEU D 115 22.51 -17.05 3.43
N ASN D 116 21.38 -17.65 3.81
CA ASN D 116 21.33 -18.84 4.67
C ASN D 116 20.09 -19.69 4.33
N HIS D 117 20.30 -20.78 3.59
CA HIS D 117 19.18 -21.47 2.92
C HIS D 117 18.19 -22.16 3.87
N GLU D 118 18.60 -22.32 5.12
CA GLU D 118 17.74 -22.96 6.11
C GLU D 118 16.84 -21.94 6.82
N LEU D 119 17.09 -20.66 6.59
CA LEU D 119 16.61 -19.61 7.51
C LEU D 119 15.26 -19.02 7.13
N GLU D 120 14.22 -19.41 7.88
CA GLU D 120 12.86 -18.93 7.70
C GLU D 120 12.57 -17.66 8.55
N THR D 121 11.58 -16.90 8.11
CA THR D 121 11.14 -15.74 8.89
C THR D 121 9.68 -15.93 9.26
N LEU D 122 9.39 -15.79 10.54
CA LEU D 122 8.04 -15.95 11.08
C LEU D 122 7.58 -14.59 11.66
N TYR D 123 6.31 -14.25 11.52
CA TYR D 123 5.80 -12.97 12.02
C TYR D 123 4.74 -13.08 13.09
N PHE D 124 4.88 -12.23 14.10
CA PHE D 124 3.94 -12.09 15.18
C PHE D 124 3.32 -10.69 15.13
N MET D 125 2.16 -10.53 15.78
CA MET D 125 1.55 -9.18 15.90
C MET D 125 1.65 -8.68 17.34
N PRO D 126 1.86 -7.35 17.54
CA PRO D 126 1.82 -6.82 18.90
C PRO D 126 0.35 -6.73 19.34
N THR D 127 0.14 -6.31 20.59
CA THR D 127 -1.23 -6.05 20.98
C THR D 127 -1.79 -4.88 20.14
N LEU D 128 -3.12 -4.87 19.99
CA LEU D 128 -3.77 -3.79 19.24
C LEU D 128 -3.36 -2.38 19.76
N GLN D 129 -3.35 -2.20 21.07
CA GLN D 129 -2.99 -0.93 21.68
C GLN D 129 -1.62 -0.43 21.24
N ASN D 130 -0.74 -1.35 20.85
CA ASN D 130 0.64 -1.07 20.46
C ASN D 130 0.90 -1.16 18.96
N ALA D 131 -0.16 -1.30 18.16
CA ALA D 131 0.04 -1.57 16.73
C ALA D 131 0.55 -0.31 16.00
N PHE D 132 0.48 0.84 16.63
CA PHE D 132 0.96 2.09 15.97
C PHE D 132 2.24 2.65 16.61
N ILE D 133 2.81 1.96 17.58
CA ILE D 133 4.00 2.51 18.26
C ILE D 133 5.23 2.27 17.40
N SER D 134 6.14 3.24 17.36
CA SER D 134 7.42 2.96 16.73
C SER D 134 8.52 3.60 17.56
N SER D 135 9.72 3.08 17.44
CA SER D 135 10.89 3.74 18.03
C SER D 135 11.05 5.17 17.58
N SER D 136 10.77 5.42 16.31
CA SER D 136 10.90 6.74 15.72
C SER D 136 10.10 7.80 16.52
N ILE D 137 8.90 7.41 16.92
CA ILE D 137 8.04 8.27 17.72
C ILE D 137 8.62 8.57 19.07
N VAL D 138 9.14 7.54 19.75
CA VAL D 138 9.79 7.74 21.04
C VAL D 138 10.94 8.71 20.87
N ARG D 139 11.76 8.51 19.82
CA ARG D 139 12.91 9.41 19.61
C ARG D 139 12.47 10.84 19.40
N SER D 140 11.45 11.03 18.57
CA SER D 140 10.97 12.40 18.32
C SER D 140 10.52 13.07 19.63
N ILE D 141 9.79 12.33 20.46
CA ILE D 141 9.30 12.86 21.73
C ILE D 141 10.47 13.19 22.65
N ILE D 142 11.42 12.27 22.75
CA ILE D 142 12.61 12.46 23.59
C ILE D 142 13.36 13.72 23.16
N ALA D 143 13.55 13.85 21.85
CA ALA D 143 14.40 14.88 21.26
C ALA D 143 13.79 16.25 21.50
N HIS D 144 12.47 16.28 21.68
CA HIS D 144 11.75 17.53 21.96
C HIS D 144 11.42 17.65 23.46
N LYS D 145 12.20 16.94 24.28
CA LYS D 145 12.11 16.93 25.76
C LYS D 145 10.74 16.53 26.36
N GLY D 146 9.95 15.77 25.60
CA GLY D 146 8.60 15.42 26.04
C GLY D 146 8.55 14.12 26.84
N ASP D 147 7.34 13.66 27.14
CA ASP D 147 7.13 12.47 27.98
C ASP D 147 6.74 11.24 27.14
N ALA D 148 7.66 10.31 27.04
CA ALA D 148 7.46 9.09 26.23
C ALA D 148 7.25 7.86 27.13
N SER D 149 7.00 8.11 28.41
CA SER D 149 6.91 6.99 29.37
C SER D 149 5.78 6.02 29.06
N HIS D 150 4.78 6.49 28.32
CA HIS D 150 3.67 5.63 27.94
C HIS D 150 4.00 4.66 26.80
N LEU D 151 5.19 4.80 26.22
CA LEU D 151 5.51 4.03 25.01
C LEU D 151 6.59 2.98 25.19
N VAL D 152 7.27 3.00 26.35
CA VAL D 152 8.44 2.12 26.55
C VAL D 152 8.32 1.48 27.92
N PRO D 153 8.98 0.32 28.11
CA PRO D 153 8.96 -0.39 29.39
C PRO D 153 9.54 0.47 30.50
N LYS D 154 8.90 0.44 31.65
CA LYS D 154 9.28 1.32 32.75
C LYS D 154 10.76 1.15 33.15
N GLU D 155 11.33 -0.02 32.90
CA GLU D 155 12.72 -0.32 33.29
C GLU D 155 13.76 0.53 32.54
N ILE D 156 13.37 1.13 31.40
CA ILE D 156 14.33 1.90 30.61
C ILE D 156 14.11 3.40 30.67
N TYR D 157 13.00 3.83 31.26
CA TYR D 157 12.63 5.26 31.12
C TYR D 157 13.63 6.22 31.77
N PRO D 158 14.20 5.85 32.94
CA PRO D 158 15.25 6.71 33.51
C PRO D 158 16.42 6.92 32.55
N LEU D 159 16.77 5.89 31.79
CA LEU D 159 17.90 5.96 30.87
C LEU D 159 17.65 6.76 29.61
N ILE D 160 16.40 6.84 29.17
CA ILE D 160 16.09 7.58 27.94
C ILE D 160 15.66 9.02 28.17
N SER D 161 15.11 9.28 29.36
CA SER D 161 14.58 10.60 29.72
C SER D 161 15.68 11.58 30.09
N LYS D 162 16.58 11.17 30.98
CA LYS D 162 17.67 12.03 31.45
C LYS D 162 19.04 11.38 31.22
N MET E 7 0.96 -23.33 23.15
CA MET E 7 1.31 -22.61 21.90
C MET E 7 1.90 -23.62 20.92
N GLN E 8 3.00 -24.28 21.30
CA GLN E 8 3.69 -25.16 20.32
C GLN E 8 3.02 -26.53 20.09
N LYS E 9 2.06 -26.89 20.94
CA LYS E 9 1.31 -28.15 20.83
C LYS E 9 0.51 -28.29 19.52
N ILE E 10 -0.19 -27.24 19.13
CA ILE E 10 -1.13 -27.34 18.00
C ILE E 10 -1.27 -25.98 17.33
N GLY E 11 -1.21 -25.97 16.01
CA GLY E 11 -1.59 -24.79 15.23
C GLY E 11 -2.69 -25.13 14.25
N ILE E 12 -3.52 -24.13 13.90
CA ILE E 12 -4.57 -24.31 12.92
C ILE E 12 -4.31 -23.39 11.74
N TYR E 13 -4.22 -24.00 10.55
CA TYR E 13 -4.10 -23.28 9.28
C TYR E 13 -5.46 -23.29 8.56
N PRO E 14 -6.22 -22.20 8.65
CA PRO E 14 -7.52 -22.17 8.02
C PRO E 14 -7.50 -21.62 6.57
N GLY E 15 -8.50 -22.00 5.82
CA GLY E 15 -8.67 -21.45 4.49
C GLY E 15 -9.86 -22.02 3.77
N THR E 16 -10.18 -21.40 2.64
CA THR E 16 -11.21 -21.90 1.74
C THR E 16 -10.60 -22.98 0.84
N PHE E 17 -9.32 -22.79 0.48
CA PHE E 17 -8.54 -23.77 -0.29
C PHE E 17 -9.28 -24.18 -1.57
N ASP E 18 -9.53 -23.20 -2.46
CA ASP E 18 -10.43 -23.43 -3.61
C ASP E 18 -9.70 -23.23 -4.95
N PRO E 19 -8.79 -24.15 -5.33
CA PRO E 19 -8.27 -25.31 -4.63
C PRO E 19 -6.98 -24.97 -3.89
N VAL E 20 -6.50 -25.93 -3.12
CA VAL E 20 -5.17 -25.90 -2.55
C VAL E 20 -4.16 -25.71 -3.68
N THR E 21 -3.18 -24.82 -3.43
CA THR E 21 -2.12 -24.53 -4.40
C THR E 21 -0.75 -24.87 -3.84
N ASN E 22 0.27 -24.78 -4.70
CA ASN E 22 1.65 -24.94 -4.26
C ASN E 22 2.04 -23.98 -3.13
N GLY E 23 1.48 -22.76 -3.14
CA GLY E 23 1.63 -21.75 -2.06
C GLY E 23 1.15 -22.25 -0.69
N HIS E 24 -0.06 -22.80 -0.65
CA HIS E 24 -0.63 -23.34 0.58
C HIS E 24 0.22 -24.49 1.12
N ILE E 25 0.68 -25.36 0.23
CA ILE E 25 1.59 -26.44 0.62
C ILE E 25 2.89 -25.92 1.25
N ASP E 26 3.50 -24.89 0.66
CA ASP E 26 4.67 -24.24 1.29
C ASP E 26 4.39 -23.87 2.75
N ILE E 27 3.24 -23.26 2.99
CA ILE E 27 2.83 -22.85 4.34
C ILE E 27 2.62 -24.08 5.26
N ILE E 28 1.94 -25.12 4.74
CA ILE E 28 1.75 -26.34 5.52
C ILE E 28 3.10 -26.98 5.86
N HIS E 29 4.01 -27.02 4.88
CA HIS E 29 5.39 -27.56 5.05
C HIS E 29 6.11 -26.86 6.21
N ARG E 30 6.15 -25.52 6.18
CA ARG E 30 6.87 -24.76 7.21
C ARG E 30 6.19 -24.77 8.56
N SER E 31 4.87 -24.68 8.56
CA SER E 31 4.14 -24.65 9.84
C SER E 31 4.06 -26.00 10.54
N SER E 32 3.95 -27.09 9.78
CA SER E 32 3.96 -28.43 10.39
C SER E 32 5.31 -28.81 10.96
N GLU E 33 6.37 -28.18 10.45
CA GLU E 33 7.68 -28.30 11.06
C GLU E 33 7.67 -27.68 12.45
N LEU E 34 6.89 -26.62 12.62
CA LEU E 34 6.92 -25.87 13.87
C LEU E 34 6.05 -26.46 14.98
N PHE E 35 4.86 -26.93 14.65
CA PHE E 35 3.93 -27.42 15.67
C PHE E 35 3.94 -28.94 15.77
N GLU E 36 3.59 -29.46 16.93
CA GLU E 36 3.43 -30.91 17.13
C GLU E 36 2.32 -31.46 16.26
N LYS E 37 1.22 -30.74 16.21
CA LYS E 37 0.07 -31.08 15.37
C LYS E 37 -0.29 -29.83 14.59
N LEU E 38 -0.49 -29.97 13.28
CA LEU E 38 -1.06 -28.91 12.43
C LEU E 38 -2.41 -29.39 11.91
N ILE E 39 -3.44 -28.63 12.25
CA ILE E 39 -4.78 -28.86 11.76
C ILE E 39 -5.00 -27.92 10.57
N VAL E 40 -5.25 -28.52 9.42
CA VAL E 40 -5.56 -27.74 8.24
C VAL E 40 -7.07 -27.67 8.20
N ALA E 41 -7.60 -26.46 8.39
CA ALA E 41 -9.04 -26.29 8.52
C ALA E 41 -9.71 -25.68 7.29
N VAL E 42 -10.53 -26.47 6.63
CA VAL E 42 -11.23 -26.01 5.42
C VAL E 42 -12.60 -25.46 5.77
N ALA E 43 -12.76 -24.15 5.58
CA ALA E 43 -14.02 -23.48 5.88
C ALA E 43 -14.99 -23.72 4.75
N HIS E 44 -16.27 -23.91 5.09
CA HIS E 44 -17.31 -24.01 4.06
C HIS E 44 -17.29 -22.78 3.13
N SER E 45 -17.25 -21.59 3.72
CA SER E 45 -17.15 -20.34 2.96
C SER E 45 -18.28 -20.19 1.93
N SER E 46 -19.51 -20.42 2.35
CA SER E 46 -20.69 -20.37 1.48
C SER E 46 -20.84 -19.01 0.80
N ALA E 47 -20.55 -17.94 1.54
CA ALA E 47 -20.65 -16.56 1.04
C ALA E 47 -19.77 -16.32 -0.18
N LYS E 48 -18.50 -16.75 -0.11
CA LYS E 48 -17.65 -16.80 -1.30
C LYS E 48 -18.36 -17.84 -2.11
N ASN E 49 -18.14 -17.92 -3.40
CA ASN E 49 -18.92 -18.93 -4.11
C ASN E 49 -18.00 -20.00 -4.69
N PRO E 50 -17.47 -20.90 -3.82
CA PRO E 50 -16.30 -21.65 -4.25
C PRO E 50 -16.54 -22.49 -5.49
N MET E 51 -15.54 -22.59 -6.33
CA MET E 51 -15.64 -23.35 -7.56
C MET E 51 -15.82 -24.83 -7.21
N PHE E 52 -15.11 -25.29 -6.18
CA PHE E 52 -15.21 -26.67 -5.71
C PHE E 52 -15.99 -26.78 -4.40
N SER E 53 -16.80 -27.84 -4.30
CA SER E 53 -17.60 -28.10 -3.11
C SER E 53 -16.70 -28.29 -1.90
N LEU E 54 -17.28 -28.14 -0.71
CA LEU E 54 -16.55 -28.40 0.54
C LEU E 54 -15.90 -29.78 0.53
N ASP E 55 -16.66 -30.77 0.07
CA ASP E 55 -16.18 -32.15 0.05
C ASP E 55 -15.00 -32.35 -0.87
N GLU E 56 -15.06 -31.73 -2.05
CA GLU E 56 -13.97 -31.74 -3.02
C GLU E 56 -12.71 -31.06 -2.50
N ARG E 57 -12.89 -29.90 -1.86
CA ARG E 57 -11.78 -29.12 -1.30
C ARG E 57 -11.07 -29.86 -0.17
N LEU E 58 -11.85 -30.44 0.75
CA LEU E 58 -11.30 -31.33 1.77
C LEU E 58 -10.54 -32.53 1.18
N LYS E 59 -11.15 -33.19 0.20
CA LYS E 59 -10.51 -34.37 -0.39
C LYS E 59 -9.18 -33.99 -1.03
N MET E 60 -9.15 -32.85 -1.74
CA MET E 60 -7.93 -32.39 -2.39
C MET E 60 -6.82 -32.04 -1.39
N ILE E 61 -7.16 -31.32 -0.32
CA ILE E 61 -6.13 -31.00 0.67
C ILE E 61 -5.65 -32.22 1.49
N GLN E 62 -6.55 -33.18 1.71
CA GLN E 62 -6.14 -34.48 2.28
C GLN E 62 -5.11 -35.18 1.40
N LEU E 63 -5.42 -35.32 0.11
CA LEU E 63 -4.50 -35.95 -0.85
C LEU E 63 -3.14 -35.23 -0.90
N ALA E 64 -3.16 -33.91 -0.83
CA ALA E 64 -1.95 -33.11 -0.98
C ALA E 64 -1.07 -33.12 0.26
N THR E 65 -1.64 -33.48 1.40
CA THR E 65 -0.94 -33.38 2.67
C THR E 65 -0.63 -34.75 3.26
N LYS E 66 -0.96 -35.81 2.53
CA LYS E 66 -0.71 -37.21 2.97
C LYS E 66 0.74 -37.44 3.44
N SER E 67 1.71 -36.80 2.79
CA SER E 67 3.13 -36.90 3.17
C SER E 67 3.45 -36.32 4.54
N PHE E 68 2.68 -35.32 4.98
CA PHE E 68 2.96 -34.65 6.25
C PHE E 68 2.26 -35.39 7.41
N LYS E 69 3.04 -36.13 8.20
CA LYS E 69 2.46 -37.11 9.12
C LYS E 69 1.68 -36.52 10.29
N ASN E 70 1.98 -35.27 10.63
CA ASN E 70 1.40 -34.62 11.79
C ASN E 70 0.35 -33.57 11.38
N VAL E 71 -0.12 -33.68 10.13
CA VAL E 71 -1.15 -32.80 9.59
C VAL E 71 -2.47 -33.56 9.53
N GLU E 72 -3.52 -32.94 10.04
CA GLU E 72 -4.88 -33.45 9.92
C GLU E 72 -5.75 -32.37 9.27
N CYS E 73 -6.47 -32.74 8.23
CA CYS E 73 -7.34 -31.81 7.53
C CYS E 73 -8.77 -32.06 7.96
N VAL E 74 -9.46 -31.00 8.38
CA VAL E 74 -10.87 -31.07 8.76
C VAL E 74 -11.66 -29.99 8.04
N ALA E 75 -12.96 -30.23 7.85
CA ALA E 75 -13.87 -29.20 7.36
C ALA E 75 -14.64 -28.60 8.53
N PHE E 76 -14.92 -27.29 8.47
CA PHE E 76 -15.73 -26.64 9.51
C PHE E 76 -16.72 -25.60 8.97
N GLU E 77 -17.83 -25.47 9.70
CA GLU E 77 -18.98 -24.64 9.33
C GLU E 77 -19.12 -23.35 10.15
N GLY E 78 -18.52 -23.33 11.34
CA GLY E 78 -18.78 -22.24 12.30
C GLY E 78 -17.64 -21.26 12.32
N LEU E 79 -17.51 -20.52 13.43
CA LEU E 79 -16.43 -19.54 13.63
C LEU E 79 -15.14 -20.27 13.91
N LEU E 80 -14.09 -19.82 13.25
CA LEU E 80 -12.75 -20.27 13.49
C LEU E 80 -12.31 -20.10 14.97
N ALA E 81 -12.64 -18.95 15.57
CA ALA E 81 -12.24 -18.70 16.98
C ALA E 81 -12.80 -19.81 17.88
N ASN E 82 -14.00 -20.29 17.55
CA ASN E 82 -14.59 -21.41 18.30
C ASN E 82 -13.96 -22.76 18.00
N LEU E 83 -13.60 -22.98 16.74
CA LEU E 83 -12.89 -24.21 16.34
C LEU E 83 -11.56 -24.34 17.09
N ALA E 84 -10.84 -23.21 17.20
CA ALA E 84 -9.61 -23.15 17.98
C ALA E 84 -9.85 -23.53 19.45
N LYS E 85 -10.93 -23.00 20.01
CA LYS E 85 -11.32 -23.34 21.38
C LYS E 85 -11.48 -24.87 21.58
N GLU E 86 -12.26 -25.51 20.70
CA GLU E 86 -12.47 -26.95 20.70
C GLU E 86 -11.16 -27.75 20.71
N TYR E 87 -10.20 -27.27 19.93
CA TYR E 87 -8.92 -27.94 19.76
C TYR E 87 -7.91 -27.53 20.81
N HIS E 88 -8.31 -26.65 21.73
CA HIS E 88 -7.41 -26.12 22.76
C HIS E 88 -6.17 -25.51 22.12
N CYS E 89 -6.43 -24.78 21.03
CA CYS E 89 -5.39 -24.22 20.19
C CYS E 89 -5.35 -22.71 20.39
N LYS E 90 -4.13 -22.20 20.64
CA LYS E 90 -3.91 -20.75 20.82
C LYS E 90 -3.21 -20.09 19.64
N VAL E 91 -2.98 -20.82 18.55
CA VAL E 91 -2.32 -20.22 17.37
C VAL E 91 -3.01 -20.53 16.06
N LEU E 92 -3.32 -19.46 15.30
CA LEU E 92 -3.77 -19.54 13.93
C LEU E 92 -2.54 -19.30 13.05
N VAL E 93 -2.39 -20.11 12.02
CA VAL E 93 -1.33 -19.97 11.02
C VAL E 93 -1.88 -19.29 9.78
N ARG E 94 -1.19 -18.25 9.33
CA ARG E 94 -1.56 -17.64 8.05
C ARG E 94 -0.32 -17.50 7.16
N GLY E 95 -0.53 -17.43 5.84
CA GLY E 95 0.59 -17.23 4.93
C GLY E 95 0.57 -15.80 4.46
N LEU E 96 1.75 -15.20 4.33
CA LEU E 96 1.89 -13.86 3.71
C LEU E 96 2.59 -13.96 2.36
N ARG E 97 1.84 -13.57 1.34
CA ARG E 97 2.28 -13.56 -0.06
C ARG E 97 2.37 -12.10 -0.53
N VAL E 98 2.93 -11.93 -1.71
CA VAL E 98 3.01 -10.62 -2.36
C VAL E 98 1.66 -9.91 -2.37
N VAL E 99 0.62 -10.67 -2.71
CA VAL E 99 -0.68 -10.04 -2.89
C VAL E 99 -1.56 -10.11 -1.63
N SER E 100 -0.98 -10.52 -0.50
CA SER E 100 -1.75 -10.46 0.76
C SER E 100 -2.17 -9.04 1.09
N ASP E 101 -3.34 -8.90 1.68
CA ASP E 101 -3.79 -7.58 2.13
C ASP E 101 -3.37 -7.51 3.57
N PHE E 102 -2.19 -6.94 3.76
CA PHE E 102 -1.55 -6.94 5.05
C PHE E 102 -2.43 -6.35 6.17
N GLU E 103 -3.10 -5.25 5.87
CA GLU E 103 -3.90 -4.56 6.88
C GLU E 103 -5.11 -5.43 7.22
N TYR E 104 -5.65 -6.10 6.20
CA TYR E 104 -6.80 -6.99 6.42
C TYR E 104 -6.40 -8.17 7.30
N GLU E 105 -5.19 -8.67 7.10
CA GLU E 105 -4.69 -9.77 7.97
C GLU E 105 -4.64 -9.31 9.42
N LEU E 106 -4.14 -8.10 9.66
CA LEU E 106 -4.05 -7.60 11.04
C LEU E 106 -5.43 -7.48 11.60
N GLN E 107 -6.31 -6.93 10.80
CA GLN E 107 -7.70 -6.76 11.21
C GLN E 107 -8.35 -8.08 11.63
N MET E 108 -8.20 -9.09 10.78
CA MET E 108 -8.72 -10.43 11.07
C MET E 108 -8.10 -11.05 12.30
N GLY E 109 -6.80 -10.84 12.46
CA GLY E 109 -6.06 -11.35 13.62
C GLY E 109 -6.62 -10.76 14.91
N TYR E 110 -6.83 -9.44 14.89
CA TYR E 110 -7.47 -8.81 16.06
C TYR E 110 -8.94 -9.24 16.25
N ALA E 111 -9.67 -9.42 15.17
CA ALA E 111 -11.08 -9.83 15.28
C ALA E 111 -11.13 -11.21 15.93
N ASN E 112 -10.28 -12.13 15.47
CA ASN E 112 -10.24 -13.50 16.08
C ASN E 112 -9.84 -13.47 17.57
N LYS E 113 -8.87 -12.62 17.93
CA LYS E 113 -8.50 -12.43 19.35
C LYS E 113 -9.67 -11.86 20.17
N SER E 114 -10.45 -10.96 19.55
CA SER E 114 -11.64 -10.40 20.26
C SER E 114 -12.66 -11.48 20.57
N LEU E 115 -12.71 -12.48 19.70
CA LEU E 115 -13.64 -13.61 19.82
C LEU E 115 -13.15 -14.70 20.80
N ASN E 116 -11.83 -14.84 20.91
CA ASN E 116 -11.16 -15.88 21.71
C ASN E 116 -9.88 -15.24 22.23
N HIS E 117 -9.91 -14.79 23.48
CA HIS E 117 -8.84 -13.97 24.01
C HIS E 117 -7.46 -14.61 24.08
N GLU E 118 -7.36 -15.92 23.88
CA GLU E 118 -6.05 -16.57 23.90
C GLU E 118 -5.49 -16.81 22.49
N LEU E 119 -6.22 -16.39 21.45
CA LEU E 119 -5.91 -16.87 20.11
C LEU E 119 -5.03 -15.89 19.35
N GLU E 120 -3.75 -16.26 19.17
CA GLU E 120 -2.78 -15.44 18.44
C GLU E 120 -2.73 -15.86 17.00
N THR E 121 -2.23 -14.97 16.14
CA THR E 121 -2.06 -15.33 14.75
C THR E 121 -0.58 -15.19 14.42
N LEU E 122 -0.03 -16.20 13.74
CA LEU E 122 1.37 -16.26 13.38
C LEU E 122 1.45 -16.37 11.85
N TYR E 123 2.45 -15.74 11.23
CA TYR E 123 2.49 -15.71 9.75
C TYR E 123 3.77 -16.30 9.22
N PHE E 124 3.62 -17.08 8.16
CA PHE E 124 4.74 -17.74 7.47
C PHE E 124 4.78 -17.22 6.02
N MET E 125 5.94 -17.33 5.36
CA MET E 125 6.08 -16.93 3.96
C MET E 125 6.19 -18.19 3.11
N PRO E 126 5.60 -18.18 1.89
CA PRO E 126 5.89 -19.31 0.97
C PRO E 126 7.27 -19.14 0.35
N THR E 127 7.71 -20.13 -0.44
CA THR E 127 8.94 -19.95 -1.23
C THR E 127 8.74 -18.80 -2.19
N LEU E 128 9.85 -18.15 -2.57
CA LEU E 128 9.84 -17.02 -3.50
C LEU E 128 9.13 -17.35 -4.79
N GLN E 129 9.45 -18.50 -5.40
CA GLN E 129 8.84 -18.96 -6.65
C GLN E 129 7.32 -19.02 -6.54
N ASN E 130 6.79 -19.17 -5.32
CA ASN E 130 5.36 -19.29 -5.11
C ASN E 130 4.71 -18.03 -4.52
N ALA E 131 5.48 -16.95 -4.42
CA ALA E 131 5.00 -15.75 -3.70
C ALA E 131 3.88 -15.00 -4.44
N PHE E 132 3.70 -15.34 -5.73
CA PHE E 132 2.68 -14.69 -6.55
C PHE E 132 1.56 -15.67 -6.93
N ILE E 133 1.49 -16.83 -6.30
CA ILE E 133 0.44 -17.77 -6.70
C ILE E 133 -0.82 -17.51 -5.88
N SER E 134 -1.98 -17.65 -6.51
CA SER E 134 -3.22 -17.55 -5.76
C SER E 134 -4.22 -18.57 -6.31
N SER E 135 -5.14 -19.00 -5.44
CA SER E 135 -6.26 -19.87 -5.84
C SER E 135 -7.06 -19.25 -6.98
N SER E 136 -7.27 -17.95 -6.89
CA SER E 136 -8.07 -17.27 -7.90
C SER E 136 -7.44 -17.43 -9.30
N ILE E 137 -6.11 -17.44 -9.38
CA ILE E 137 -5.41 -17.63 -10.68
C ILE E 137 -5.66 -19.02 -11.22
N VAL E 138 -5.57 -20.01 -10.32
CA VAL E 138 -5.89 -21.40 -10.71
C VAL E 138 -7.31 -21.45 -11.27
N ARG E 139 -8.26 -20.88 -10.54
CA ARG E 139 -9.67 -20.88 -11.00
C ARG E 139 -9.87 -20.26 -12.35
N SER E 140 -9.25 -19.09 -12.56
CA SER E 140 -9.34 -18.40 -13.86
C SER E 140 -8.82 -19.27 -15.02
N ILE E 141 -7.67 -19.89 -14.80
CA ILE E 141 -7.09 -20.81 -15.79
C ILE E 141 -7.98 -22.04 -16.07
N ILE E 142 -8.42 -22.73 -15.03
CA ILE E 142 -9.39 -23.82 -15.14
C ILE E 142 -10.65 -23.39 -15.90
N ALA E 143 -11.20 -22.22 -15.54
CA ALA E 143 -12.44 -21.69 -16.14
C ALA E 143 -12.28 -21.46 -17.63
N HIS E 144 -11.04 -21.29 -18.07
CA HIS E 144 -10.73 -21.06 -19.48
C HIS E 144 -10.03 -22.27 -20.12
N LYS E 145 -10.18 -23.44 -19.48
CA LYS E 145 -9.68 -24.74 -19.96
C LYS E 145 -8.19 -24.80 -20.22
N GLY E 146 -7.45 -23.95 -19.52
CA GLY E 146 -6.02 -23.91 -19.66
C GLY E 146 -5.40 -24.84 -18.65
N ASP E 147 -4.07 -24.86 -18.65
CA ASP E 147 -3.30 -25.81 -17.89
C ASP E 147 -2.78 -25.11 -16.62
N ALA E 148 -3.32 -25.47 -15.45
CA ALA E 148 -2.83 -24.93 -14.17
C ALA E 148 -1.91 -25.90 -13.40
N SER E 149 -1.43 -26.95 -14.08
CA SER E 149 -0.65 -27.99 -13.41
C SER E 149 0.62 -27.48 -12.72
N HIS E 150 1.19 -26.37 -13.21
CA HIS E 150 2.37 -25.76 -12.63
C HIS E 150 2.07 -25.05 -11.30
N LEU E 151 0.79 -24.99 -10.91
CA LEU E 151 0.39 -24.15 -9.75
C LEU E 151 -0.11 -24.92 -8.55
N VAL E 152 -0.41 -26.21 -8.74
CA VAL E 152 -1.07 -27.00 -7.71
C VAL E 152 -0.32 -28.36 -7.53
N PRO E 153 -0.48 -29.01 -6.36
CA PRO E 153 0.24 -30.27 -6.17
C PRO E 153 -0.22 -31.37 -7.17
N LYS E 154 0.74 -32.13 -7.69
CA LYS E 154 0.46 -33.14 -8.70
C LYS E 154 -0.69 -34.08 -8.30
N GLU E 155 -0.83 -34.35 -7.01
CA GLU E 155 -1.86 -35.30 -6.52
C GLU E 155 -3.32 -34.82 -6.65
N ILE E 156 -3.52 -33.53 -6.89
CA ILE E 156 -4.89 -33.04 -7.07
C ILE E 156 -5.23 -32.75 -8.54
N TYR E 157 -4.23 -32.74 -9.41
CA TYR E 157 -4.48 -32.18 -10.75
C TYR E 157 -5.60 -32.88 -11.53
N PRO E 158 -5.67 -34.24 -11.49
CA PRO E 158 -6.76 -34.92 -12.21
C PRO E 158 -8.16 -34.61 -11.67
N LEU E 159 -8.24 -34.13 -10.42
CA LEU E 159 -9.51 -33.75 -9.82
C LEU E 159 -9.97 -32.36 -10.26
N ILE E 160 -9.05 -31.41 -10.34
CA ILE E 160 -9.41 -30.04 -10.74
C ILE E 160 -9.55 -29.90 -12.25
N SER E 161 -8.83 -30.75 -12.99
CA SER E 161 -8.87 -30.76 -14.45
C SER E 161 -9.92 -31.76 -14.87
N LYS E 162 -11.00 -31.24 -15.47
CA LYS E 162 -12.17 -32.05 -15.80
C LYS E 162 -12.77 -31.62 -17.15
N MET F 7 9.18 7.28 -31.29
CA MET F 7 9.06 6.87 -29.85
C MET F 7 9.87 5.59 -29.61
N GLN F 8 9.79 4.69 -30.58
CA GLN F 8 10.57 3.46 -30.71
C GLN F 8 12.10 3.66 -30.75
N LYS F 9 12.54 4.83 -31.23
CA LYS F 9 13.94 5.06 -31.58
C LYS F 9 14.92 4.95 -30.42
N ILE F 10 14.49 5.43 -29.26
CA ILE F 10 15.43 5.62 -28.18
C ILE F 10 14.65 5.68 -26.87
N GLY F 11 15.18 4.97 -25.89
CA GLY F 11 14.69 5.08 -24.53
C GLY F 11 15.84 5.33 -23.60
N ILE F 12 15.57 6.02 -22.50
CA ILE F 12 16.53 6.24 -21.43
C ILE F 12 16.10 5.49 -20.19
N TYR F 13 16.98 4.61 -19.70
CA TYR F 13 16.82 3.95 -18.42
C TYR F 13 17.71 4.62 -17.36
N PRO F 14 17.13 5.50 -16.52
CA PRO F 14 17.97 6.20 -15.58
C PRO F 14 18.08 5.51 -14.24
N GLY F 15 19.14 5.80 -13.50
CA GLY F 15 19.31 5.23 -12.19
C GLY F 15 20.54 5.71 -11.48
N THR F 16 20.56 5.44 -10.18
CA THR F 16 21.76 5.67 -9.37
C THR F 16 22.69 4.46 -9.55
N PHE F 17 22.13 3.25 -9.68
CA PHE F 17 22.92 2.04 -9.98
C PHE F 17 24.07 1.85 -9.02
N ASP F 18 23.72 1.68 -7.74
CA ASP F 18 24.74 1.75 -6.70
C ASP F 18 24.73 0.51 -5.81
N PRO F 19 25.15 -0.64 -6.35
CA PRO F 19 25.59 -0.94 -7.71
C PRO F 19 24.48 -1.48 -8.59
N VAL F 20 24.76 -1.62 -9.88
CA VAL F 20 23.90 -2.36 -10.80
C VAL F 20 23.69 -3.79 -10.27
N THR F 21 22.44 -4.25 -10.35
CA THR F 21 22.06 -5.57 -9.85
C THR F 21 21.48 -6.43 -10.97
N ASN F 22 21.28 -7.72 -10.68
CA ASN F 22 20.66 -8.60 -11.63
C ASN F 22 19.28 -8.11 -12.04
N GLY F 23 18.61 -7.42 -11.12
CA GLY F 23 17.28 -6.81 -11.34
C GLY F 23 17.37 -5.77 -12.46
N HIS F 24 18.31 -4.84 -12.32
CA HIS F 24 18.55 -3.80 -13.34
C HIS F 24 18.87 -4.41 -14.69
N ILE F 25 19.71 -5.45 -14.69
CA ILE F 25 20.06 -6.11 -15.93
C ILE F 25 18.83 -6.70 -16.62
N ASP F 26 17.89 -7.28 -15.85
CA ASP F 26 16.64 -7.78 -16.49
C ASP F 26 15.91 -6.66 -17.22
N ILE F 27 15.84 -5.49 -16.59
CA ILE F 27 15.17 -4.36 -17.21
C ILE F 27 15.91 -3.90 -18.46
N ILE F 28 17.23 -3.81 -18.39
CA ILE F 28 18.03 -3.52 -19.59
C ILE F 28 17.79 -4.54 -20.74
N HIS F 29 17.80 -5.82 -20.40
CA HIS F 29 17.54 -6.88 -21.37
C HIS F 29 16.22 -6.63 -22.10
N ARG F 30 15.13 -6.47 -21.33
CA ARG F 30 13.80 -6.31 -21.91
C ARG F 30 13.60 -5.01 -22.67
N SER F 31 14.05 -3.91 -22.07
CA SER F 31 13.84 -2.63 -22.70
C SER F 31 14.72 -2.45 -23.95
N SER F 32 15.92 -3.05 -23.93
CA SER F 32 16.85 -3.00 -25.11
C SER F 32 16.35 -3.83 -26.27
N GLU F 33 15.44 -4.76 -25.98
CA GLU F 33 14.75 -5.51 -27.02
C GLU F 33 13.72 -4.62 -27.69
N LEU F 34 13.11 -3.72 -26.92
CA LEU F 34 12.05 -2.89 -27.44
C LEU F 34 12.55 -1.71 -28.27
N PHE F 35 13.53 -0.98 -27.76
CA PHE F 35 13.99 0.24 -28.40
C PHE F 35 15.16 0.00 -29.33
N GLU F 36 15.25 0.80 -30.38
CA GLU F 36 16.37 0.71 -31.31
C GLU F 36 17.69 1.02 -30.62
N LYS F 37 17.68 2.02 -29.74
CA LYS F 37 18.81 2.35 -28.88
C LYS F 37 18.35 2.49 -27.44
N LEU F 38 19.07 1.91 -26.49
CA LEU F 38 18.79 2.20 -25.07
C LEU F 38 19.98 2.92 -24.46
N ILE F 39 19.73 4.10 -23.88
CA ILE F 39 20.74 4.81 -23.12
C ILE F 39 20.54 4.42 -21.65
N VAL F 40 21.58 3.90 -21.03
CA VAL F 40 21.54 3.68 -19.59
C VAL F 40 22.20 4.91 -18.94
N ALA F 41 21.40 5.66 -18.19
CA ALA F 41 21.86 6.93 -17.66
C ALA F 41 22.10 6.88 -16.17
N VAL F 42 23.36 7.02 -15.79
CA VAL F 42 23.78 6.92 -14.40
C VAL F 42 23.86 8.33 -13.81
N ALA F 43 22.96 8.61 -12.85
CA ALA F 43 22.83 9.93 -12.24
C ALA F 43 23.88 10.11 -11.15
N HIS F 44 24.37 11.35 -10.94
CA HIS F 44 25.33 11.58 -9.87
C HIS F 44 24.74 11.24 -8.49
N SER F 45 23.49 11.65 -8.25
CA SER F 45 22.75 11.37 -7.00
C SER F 45 23.51 11.67 -5.70
N SER F 46 24.16 12.81 -5.67
CA SER F 46 24.85 13.28 -4.45
C SER F 46 23.96 13.42 -3.21
N ALA F 47 22.72 13.86 -3.37
CA ALA F 47 21.80 13.98 -2.23
C ALA F 47 21.60 12.61 -1.56
N LYS F 48 21.55 11.54 -2.37
CA LYS F 48 21.67 10.17 -1.87
C LYS F 48 23.15 10.03 -1.57
N ASN F 49 23.59 9.05 -0.82
CA ASN F 49 25.03 9.09 -0.53
C ASN F 49 25.78 7.90 -1.09
N PRO F 50 25.87 7.82 -2.44
CA PRO F 50 26.17 6.52 -3.06
C PRO F 50 27.43 5.88 -2.51
N MET F 51 27.35 4.59 -2.22
CA MET F 51 28.52 3.85 -1.78
C MET F 51 29.67 3.91 -2.81
N PHE F 52 29.33 3.76 -4.08
CA PHE F 52 30.32 3.78 -5.14
C PHE F 52 30.26 5.12 -5.85
N SER F 53 31.44 5.64 -6.24
CA SER F 53 31.54 6.92 -6.92
C SER F 53 30.85 6.88 -8.28
N LEU F 54 30.49 8.04 -8.82
CA LEU F 54 29.89 8.09 -10.16
C LEU F 54 30.75 7.38 -11.19
N ASP F 55 32.07 7.56 -11.11
CA ASP F 55 32.99 6.88 -12.02
C ASP F 55 32.88 5.34 -11.93
N GLU F 56 32.88 4.79 -10.72
CA GLU F 56 32.82 3.33 -10.53
C GLU F 56 31.48 2.75 -10.98
N ARG F 57 30.41 3.48 -10.65
CA ARG F 57 29.06 3.06 -11.05
C ARG F 57 28.90 2.98 -12.59
N LEU F 58 29.41 3.99 -13.29
CA LEU F 58 29.42 3.96 -14.76
C LEU F 58 30.24 2.79 -15.32
N LYS F 59 31.45 2.59 -14.77
CA LYS F 59 32.27 1.46 -15.18
C LYS F 59 31.60 0.10 -14.99
N MET F 60 30.97 -0.10 -13.84
CA MET F 60 30.30 -1.37 -13.51
C MET F 60 29.15 -1.65 -14.49
N ILE F 61 28.33 -0.65 -14.76
CA ILE F 61 27.20 -0.84 -15.68
C ILE F 61 27.65 -0.95 -17.16
N GLN F 62 28.77 -0.34 -17.50
CA GLN F 62 29.35 -0.52 -18.84
C GLN F 62 29.80 -1.96 -19.01
N LEU F 63 30.56 -2.44 -18.03
CA LEU F 63 31.04 -3.82 -18.04
C LEU F 63 29.88 -4.80 -18.05
N ALA F 64 28.82 -4.49 -17.29
CA ALA F 64 27.70 -5.39 -17.15
C ALA F 64 26.83 -5.47 -18.41
N THR F 65 26.92 -4.47 -19.28
CA THR F 65 26.00 -4.35 -20.44
C THR F 65 26.72 -4.50 -21.78
N LYS F 66 27.99 -4.86 -21.74
CA LYS F 66 28.80 -5.05 -22.98
C LYS F 66 28.13 -5.95 -24.04
N SER F 67 27.36 -6.94 -23.58
CA SER F 67 26.70 -7.95 -24.46
C SER F 67 25.51 -7.43 -25.24
N PHE F 68 24.92 -6.33 -24.77
CA PHE F 68 23.81 -5.68 -25.44
C PHE F 68 24.35 -4.58 -26.37
N LYS F 69 24.37 -4.87 -27.66
CA LYS F 69 25.03 -4.00 -28.66
C LYS F 69 24.33 -2.67 -28.92
N ASN F 70 23.05 -2.58 -28.57
CA ASN F 70 22.31 -1.34 -28.79
C ASN F 70 22.13 -0.53 -27.51
N VAL F 71 22.95 -0.85 -26.50
CA VAL F 71 22.95 -0.13 -25.23
C VAL F 71 24.21 0.71 -25.07
N GLU F 72 24.01 1.95 -24.64
CA GLU F 72 25.13 2.83 -24.32
C GLU F 72 24.87 3.37 -22.93
N CYS F 73 25.92 3.38 -22.11
CA CYS F 73 25.87 3.90 -20.76
C CYS F 73 26.55 5.28 -20.67
N VAL F 74 25.89 6.24 -20.02
CA VAL F 74 26.43 7.58 -19.84
C VAL F 74 26.17 8.03 -18.41
N ALA F 75 27.06 8.89 -17.91
CA ALA F 75 26.85 9.55 -16.63
C ALA F 75 26.23 10.92 -16.84
N PHE F 76 25.34 11.34 -15.94
CA PHE F 76 24.80 12.71 -16.05
C PHE F 76 24.61 13.41 -14.70
N GLU F 77 24.73 14.72 -14.72
CA GLU F 77 24.73 15.50 -13.50
C GLU F 77 23.51 16.40 -13.31
N GLY F 78 22.78 16.64 -14.39
CA GLY F 78 21.73 17.64 -14.39
C GLY F 78 20.37 16.97 -14.32
N LEU F 79 19.33 17.66 -14.78
CA LEU F 79 17.96 17.14 -14.84
C LEU F 79 17.81 16.05 -15.89
N LEU F 80 17.22 14.93 -15.49
CA LEU F 80 16.92 13.86 -16.42
C LEU F 80 16.02 14.35 -17.55
N ALA F 81 15.04 15.21 -17.24
CA ALA F 81 14.12 15.71 -18.26
C ALA F 81 14.90 16.48 -19.35
N ASN F 82 15.94 17.19 -18.96
CA ASN F 82 16.81 17.90 -19.92
C ASN F 82 17.70 16.95 -20.72
N LEU F 83 18.23 15.94 -20.05
CA LEU F 83 19.02 14.90 -20.71
C LEU F 83 18.21 14.25 -21.82
N ALA F 84 16.93 14.01 -21.55
CA ALA F 84 16.08 13.42 -22.57
C ALA F 84 15.94 14.33 -23.79
N LYS F 85 15.69 15.62 -23.51
CA LYS F 85 15.62 16.65 -24.55
C LYS F 85 16.86 16.59 -25.45
N GLU F 86 18.04 16.45 -24.83
CA GLU F 86 19.36 16.36 -25.52
C GLU F 86 19.44 15.16 -26.46
N TYR F 87 18.83 14.04 -26.05
CA TYR F 87 18.80 12.82 -26.85
C TYR F 87 17.63 12.74 -27.80
N HIS F 88 16.78 13.77 -27.82
CA HIS F 88 15.49 13.72 -28.54
C HIS F 88 14.72 12.45 -28.14
N CYS F 89 14.74 12.15 -26.85
CA CYS F 89 14.16 10.92 -26.33
C CYS F 89 12.79 11.26 -25.71
N LYS F 90 11.76 10.50 -26.06
CA LYS F 90 10.40 10.75 -25.55
C LYS F 90 9.95 9.73 -24.51
N VAL F 91 10.85 8.81 -24.12
CA VAL F 91 10.47 7.70 -23.20
C VAL F 91 11.53 7.41 -22.19
N LEU F 92 11.14 7.51 -20.92
CA LEU F 92 11.91 7.02 -19.79
C LEU F 92 11.48 5.60 -19.46
N VAL F 93 12.48 4.75 -19.22
CA VAL F 93 12.26 3.34 -18.88
C VAL F 93 12.44 3.17 -17.39
N ARG F 94 11.46 2.56 -16.70
CA ARG F 94 11.58 2.28 -15.26
C ARG F 94 11.30 0.81 -14.97
N GLY F 95 11.85 0.28 -13.87
CA GLY F 95 11.57 -1.12 -13.48
C GLY F 95 10.58 -1.12 -12.33
N LEU F 96 9.63 -2.05 -12.33
CA LEU F 96 8.66 -2.19 -11.23
C LEU F 96 8.91 -3.53 -10.56
N ARG F 97 9.33 -3.45 -9.29
CA ARG F 97 9.64 -4.62 -8.48
C ARG F 97 8.64 -4.65 -7.34
N VAL F 98 8.75 -5.69 -6.53
CA VAL F 98 7.80 -5.87 -5.44
C VAL F 98 7.83 -4.70 -4.45
N VAL F 99 9.03 -4.23 -4.13
CA VAL F 99 9.20 -3.16 -3.14
C VAL F 99 9.13 -1.76 -3.79
N SER F 100 8.84 -1.70 -5.09
CA SER F 100 8.68 -0.42 -5.75
C SER F 100 7.63 0.42 -5.04
N ASP F 101 7.89 1.72 -4.94
CA ASP F 101 6.92 2.64 -4.37
C ASP F 101 6.10 3.16 -5.56
N PHE F 102 4.98 2.49 -5.74
CA PHE F 102 4.15 2.65 -6.94
C PHE F 102 3.66 4.10 -7.13
N GLU F 103 3.20 4.69 -6.04
CA GLU F 103 2.65 6.02 -6.18
C GLU F 103 3.80 7.02 -6.39
N TYR F 104 4.96 6.76 -5.78
CA TYR F 104 6.15 7.58 -6.02
C TYR F 104 6.61 7.53 -7.50
N GLU F 105 6.51 6.35 -8.11
CA GLU F 105 6.80 6.23 -9.55
C GLU F 105 5.85 7.08 -10.39
N LEU F 106 4.57 7.06 -10.06
CA LEU F 106 3.60 7.86 -10.82
C LEU F 106 3.93 9.34 -10.62
N GLN F 107 4.25 9.70 -9.38
CA GLN F 107 4.64 11.08 -9.03
C GLN F 107 5.84 11.61 -9.84
N MET F 108 6.87 10.80 -9.89
CA MET F 108 8.08 11.17 -10.65
C MET F 108 7.81 11.21 -12.15
N GLY F 109 6.97 10.29 -12.65
CA GLY F 109 6.56 10.30 -14.07
C GLY F 109 5.87 11.61 -14.42
N TYR F 110 4.91 12.00 -13.58
CA TYR F 110 4.25 13.29 -13.77
C TYR F 110 5.17 14.49 -13.58
N ALA F 111 6.15 14.39 -12.67
CA ALA F 111 7.10 15.49 -12.48
C ALA F 111 7.97 15.67 -13.71
N ASN F 112 8.44 14.55 -14.27
CA ASN F 112 9.23 14.58 -15.49
C ASN F 112 8.45 15.11 -16.70
N LYS F 113 7.18 14.72 -16.81
CA LYS F 113 6.31 15.23 -17.87
C LYS F 113 6.10 16.74 -17.73
N SER F 114 5.98 17.25 -16.48
CA SER F 114 5.90 18.72 -16.26
C SER F 114 7.17 19.43 -16.74
N LEU F 115 8.30 18.76 -16.59
CA LEU F 115 9.58 19.38 -16.95
C LEU F 115 9.89 19.29 -18.43
N ASN F 116 9.37 18.26 -19.08
CA ASN F 116 9.57 18.03 -20.50
C ASN F 116 8.28 17.42 -21.02
N HIS F 117 7.48 18.22 -21.74
CA HIS F 117 6.10 17.85 -22.10
C HIS F 117 5.98 16.66 -23.03
N GLU F 118 7.08 16.26 -23.67
CA GLU F 118 7.11 15.10 -24.58
C GLU F 118 7.51 13.81 -23.89
N LEU F 119 7.85 13.86 -22.60
CA LEU F 119 8.57 12.77 -21.99
C LEU F 119 7.63 11.85 -21.22
N GLU F 120 7.37 10.66 -21.79
CA GLU F 120 6.55 9.60 -21.15
C GLU F 120 7.42 8.67 -20.34
N THR F 121 6.80 7.92 -19.42
CA THR F 121 7.52 6.93 -18.64
C THR F 121 6.80 5.60 -18.90
N LEU F 122 7.59 4.56 -19.18
CA LEU F 122 7.07 3.20 -19.47
C LEU F 122 7.72 2.28 -18.45
N TYR F 123 7.00 1.27 -17.95
CA TYR F 123 7.54 0.39 -16.90
C TYR F 123 7.61 -1.05 -17.33
N PHE F 124 8.73 -1.66 -16.91
CA PHE F 124 8.99 -3.08 -17.21
C PHE F 124 9.11 -3.82 -15.93
N MET F 125 8.95 -5.14 -15.99
CA MET F 125 9.13 -5.98 -14.79
C MET F 125 10.38 -6.83 -14.92
N PRO F 126 11.11 -7.06 -13.81
CA PRO F 126 12.22 -8.00 -13.91
C PRO F 126 11.69 -9.43 -13.86
N THR F 127 12.56 -10.42 -13.99
CA THR F 127 12.11 -11.79 -13.83
C THR F 127 11.66 -12.02 -12.38
N LEU F 128 10.78 -12.99 -12.18
CA LEU F 128 10.20 -13.27 -10.87
C LEU F 128 11.29 -13.49 -9.81
N GLN F 129 12.30 -14.32 -10.14
CA GLN F 129 13.41 -14.55 -9.20
C GLN F 129 14.15 -13.30 -8.76
N ASN F 130 14.12 -12.23 -9.58
CA ASN F 130 14.81 -10.99 -9.23
C ASN F 130 13.87 -9.91 -8.71
N ALA F 131 12.60 -10.27 -8.52
CA ALA F 131 11.58 -9.27 -8.17
C ALA F 131 11.77 -8.68 -6.77
N PHE F 132 12.59 -9.35 -5.94
CA PHE F 132 12.85 -8.87 -4.57
C PHE F 132 14.29 -8.41 -4.37
N ILE F 133 15.05 -8.22 -5.45
CA ILE F 133 16.42 -7.71 -5.27
C ILE F 133 16.44 -6.18 -5.24
N SER F 134 17.29 -5.61 -4.40
CA SER F 134 17.48 -4.18 -4.41
C SER F 134 18.98 -3.86 -4.26
N SER F 135 19.40 -2.72 -4.80
CA SER F 135 20.77 -2.20 -4.58
C SER F 135 21.12 -2.07 -3.09
N SER F 136 20.14 -1.65 -2.28
CA SER F 136 20.39 -1.48 -0.83
C SER F 136 20.75 -2.78 -0.12
N ILE F 137 20.18 -3.89 -0.60
CA ILE F 137 20.48 -5.24 -0.11
C ILE F 137 21.92 -5.57 -0.43
N VAL F 138 22.32 -5.31 -1.66
CA VAL F 138 23.70 -5.57 -2.05
C VAL F 138 24.65 -4.70 -1.20
N ARG F 139 24.31 -3.42 -1.02
CA ARG F 139 25.14 -2.51 -0.19
C ARG F 139 25.26 -2.98 1.24
N SER F 140 24.13 -3.38 1.84
CA SER F 140 24.13 -3.93 3.22
C SER F 140 25.01 -5.17 3.38
N ILE F 141 24.81 -6.16 2.50
CA ILE F 141 25.67 -7.36 2.49
C ILE F 141 27.15 -7.01 2.35
N ILE F 142 27.48 -6.14 1.38
CA ILE F 142 28.87 -5.70 1.19
C ILE F 142 29.41 -5.04 2.45
N ALA F 143 28.61 -4.13 3.02
CA ALA F 143 28.99 -3.34 4.18
C ALA F 143 29.20 -4.19 5.43
N HIS F 144 28.60 -5.38 5.44
CA HIS F 144 28.77 -6.32 6.54
C HIS F 144 29.69 -7.47 6.13
N LYS F 145 30.51 -7.20 5.10
CA LYS F 145 31.59 -8.09 4.64
C LYS F 145 31.12 -9.42 4.02
N GLY F 146 29.86 -9.49 3.63
CA GLY F 146 29.26 -10.71 3.12
C GLY F 146 29.46 -10.92 1.62
N ASP F 147 28.89 -12.01 1.12
CA ASP F 147 28.98 -12.39 -0.28
C ASP F 147 27.69 -12.03 -1.04
N ALA F 148 27.74 -10.99 -1.85
CA ALA F 148 26.58 -10.54 -2.62
C ALA F 148 26.70 -10.97 -4.09
N SER F 149 27.60 -11.92 -4.38
CA SER F 149 27.79 -12.36 -5.79
C SER F 149 26.53 -12.94 -6.48
N HIS F 150 25.60 -13.50 -5.71
CA HIS F 150 24.35 -14.04 -6.25
C HIS F 150 23.35 -12.95 -6.69
N LEU F 151 23.69 -11.68 -6.44
CA LEU F 151 22.72 -10.61 -6.67
C LEU F 151 23.10 -9.67 -7.80
N VAL F 152 24.34 -9.80 -8.29
CA VAL F 152 24.89 -8.84 -9.24
C VAL F 152 25.58 -9.52 -10.39
N PRO F 153 25.70 -8.81 -11.54
CA PRO F 153 26.35 -9.43 -12.67
C PRO F 153 27.82 -9.74 -12.38
N LYS F 154 28.27 -10.90 -12.85
CA LYS F 154 29.64 -11.37 -12.62
C LYS F 154 30.73 -10.39 -13.04
N GLU F 155 30.44 -9.54 -14.04
CA GLU F 155 31.45 -8.63 -14.60
C GLU F 155 31.85 -7.50 -13.65
N ILE F 156 31.01 -7.24 -12.66
CA ILE F 156 31.26 -6.16 -11.72
C ILE F 156 31.82 -6.67 -10.39
N TYR F 157 31.78 -7.99 -10.22
CA TYR F 157 32.02 -8.60 -8.91
C TYR F 157 33.49 -8.55 -8.41
N PRO F 158 34.46 -8.51 -9.34
CA PRO F 158 35.80 -8.20 -8.83
C PRO F 158 35.88 -6.73 -8.42
N LEU F 159 35.20 -5.88 -9.17
CA LEU F 159 35.25 -4.43 -8.97
C LEU F 159 34.43 -3.98 -7.75
N ILE F 160 33.54 -4.86 -7.30
CA ILE F 160 32.74 -4.61 -6.09
C ILE F 160 33.52 -4.85 -4.80
N SER F 161 34.62 -5.60 -4.91
CA SER F 161 35.44 -6.01 -3.76
C SER F 161 36.67 -5.13 -3.48
N LYS F 162 36.88 -4.09 -4.29
CA LYS F 162 38.02 -3.16 -4.11
C LYS F 162 38.06 -2.52 -2.73
#